data_4L2Y
#
_entry.id   4L2Y
#
_cell.length_a   70.940
_cell.length_b   136.971
_cell.length_c   150.484
_cell.angle_alpha   90.000
_cell.angle_beta   90.000
_cell.angle_gamma   90.000
#
_symmetry.space_group_name_H-M   'P 21 21 21'
#
loop_
_entity.id
_entity.type
_entity.pdbx_description
1 polymer 'Phosphatidylinositol 4,5-bisphosphate 3-kinase catalytic subunit alpha isoform'
2 polymer 'Phosphatidylinositol 3-kinase regulatory subunit alpha'
3 non-polymer "3-amino-5-[4-(morpholin-4-yl)pyrido[3',2':4,5]furo[3,2-d]pyrimidin-2-yl]phenol"
4 non-polymer 'SULFATE ION'
5 non-polymer GLYCEROL
6 water water
#
loop_
_entity_poly.entity_id
_entity_poly.type
_entity_poly.pdbx_seq_one_letter_code
_entity_poly.pdbx_strand_id
1 'polypeptide(L)'
;MPPRPSSGELWGIHLMPPRILVECLLPNGMIVTLECLREATLITIKHELFKEARKYPLHQLLQDESSYIFVSVTQEAERE
EFFDETRRLCDLRLFQPFLKVIEPVGNREEKILNREIGFAIGMPVCEFDMVKDPEVQDFRRNILNVCKEAVDLRDLNSPH
SRAMYVYPPNVESSPELPKHIYNKLDKGQIIVVIWVIVSPNNDKQKYTLKINHDCVPEQVIAEAIRKKTRSMLLSSEQLK
LCVLEYQGKYILKVCGCDEYFLEKYPLSQYKYIRSCIMLGRMPNLMLMAKESLYSQLPMDCFTMPSYSRRISTATPYMNG
ETSTKSLWVINSALRIKILCATYVNVNIRDIDKIYVRTGIYHGGEPLCDNVNTQRVPCSNPRWNEWLNYDIYIPDLPRAA
RLCLSICSVKGRKGAKEEHCPLAWGNINLFDYTDTLVSGKMALNLWPVPHGLEDLLNPIGVTGSNPNKETPCLELEFDWF
SSVVKFPDMSVIEEHANWSVSREAGFSYSHAGLSNRLARDNELRENDKEQLKAISTRDPLSEITEQEKDFLWSHRHYCVT
IPEILPKLLLSVKWNSRDEVAQMYCLVKDWPPIKPEQAMELLDCNYPDPMVRGFAVRCLEKYLTDDKLSQYLIQLVQVLK
YEQYLDNLLVRFLLKKALTNQRIGHFFFWHLKSEMHNKTVSQRFGLLLESYCRACGMYLKHLNRQVEAMEKLINLTDILK
QEKKDETQKVQMKFLVEQMRRPDFMDALQGFLSPLNPAHQLGNLRLEECRIMSSAKRPLWLNWENPDIMSELLFQNNEII
FKNGDDLRQDMLTLQIIRIMENIWQNQGLDLRMLPYGCLSIGDCVGLIEVVRNSHTIMQIQCKGGLKGALQFNSHTLHQW
LKDKNKGEIYDAAIDLFTRSCAGYCVATFILGIGDRHNSNIMVKDDGQLFHIDFGHFLDHKKKKFGYKRERVPFVLTQDF
LIVISKGAQECTKTREFERFQEMCYKAYLAIRQHANLFINLFSMMLGSGMPELQSFDDIAYIRKTLALDKTEQEALEYFM
KQMNDAHHGGWTTKMDWIFHTIKQHALN
;
A
2 'polypeptide(L)'
;MSYYHHHHHHDYDIPTTENLYFQSIAANNGMNNNMSLQDAEWYWGDISREEVNEKLRDTADGTFLVRDASTKMHGDYTLT
LRKGGNNKLIKIFHRDGKYGFSDPLTFSSVVELINHYRNESLAQYNPKLDVKLLYPVSKYQQDQVVKEDNIEAVGKKLHE
YNTQFQEKSREYDRLYEEYTRTSQEIQMKRTAIEAFNETIKIFEEQCQTQERYSKEYIEKFKREGNEKEIQRIMHNYDKL
KSRISEIIDSRRRLEEDLKKQAAEYREIDKRMNSIKPDLIQLRKTRDQYLMWLTQKGVRQKKLNEWLGNENTEDQYSLVE
DDED
;
B
#
# COMPACT_ATOMS: atom_id res chain seq x y z
N GLY A 8 7.24 16.63 -18.35
CA GLY A 8 6.85 17.61 -19.41
C GLY A 8 6.62 16.95 -20.75
N GLU A 9 6.02 17.71 -21.68
CA GLU A 9 5.75 17.22 -23.04
C GLU A 9 7.01 17.28 -23.91
N LEU A 10 7.99 18.05 -23.46
CA LEU A 10 9.32 18.08 -24.04
C LEU A 10 10.32 18.03 -22.88
N TRP A 11 11.60 17.74 -23.18
CA TRP A 11 12.61 17.68 -22.14
C TRP A 11 13.12 19.03 -21.73
N GLY A 12 13.09 19.30 -20.43
CA GLY A 12 13.52 20.57 -19.87
C GLY A 12 12.35 21.54 -19.73
N ILE A 13 11.78 21.91 -20.87
CA ILE A 13 10.62 22.80 -20.90
C ILE A 13 9.33 22.00 -20.65
N HIS A 14 8.55 22.46 -19.66
CA HIS A 14 7.29 21.81 -19.30
C HIS A 14 6.26 21.86 -20.40
N LEU A 15 6.17 22.99 -21.08
CA LEU A 15 5.27 23.16 -22.22
C LEU A 15 6.02 23.76 -23.40
N MET A 16 5.94 23.11 -24.56
CA MET A 16 6.61 23.58 -25.77
C MET A 16 5.91 24.81 -26.38
N PRO A 17 6.70 25.75 -26.92
CA PRO A 17 6.15 26.94 -27.60
C PRO A 17 5.27 26.59 -28.80
N PRO A 18 4.33 27.48 -29.16
CA PRO A 18 3.48 27.28 -30.34
C PRO A 18 4.26 26.88 -31.59
N ARG A 19 5.30 27.64 -31.91
CA ARG A 19 6.20 27.32 -33.01
C ARG A 19 7.39 26.51 -32.50
N ILE A 20 7.75 25.46 -33.23
CA ILE A 20 8.88 24.60 -32.87
C ILE A 20 9.52 23.99 -34.12
N LEU A 21 10.83 24.24 -34.28
CA LEU A 21 11.58 23.70 -35.41
C LEU A 21 11.90 22.23 -35.18
N VAL A 22 11.70 21.41 -36.22
CA VAL A 22 11.97 19.98 -36.13
C VAL A 22 13.05 19.53 -37.14
N GLU A 23 14.06 18.82 -36.63
CA GLU A 23 15.11 18.24 -37.46
C GLU A 23 14.58 16.97 -38.10
N CYS A 24 14.68 16.87 -39.42
CA CYS A 24 14.16 15.70 -40.13
C CYS A 24 15.25 14.90 -40.82
N LEU A 25 15.43 13.67 -40.36
CA LEU A 25 16.45 12.78 -40.88
C LEU A 25 15.86 11.85 -41.93
N LEU A 26 16.28 12.05 -43.18
CA LEU A 26 15.73 11.33 -44.33
C LEU A 26 16.52 10.05 -44.62
N PRO A 27 15.88 9.06 -45.30
CA PRO A 27 16.50 7.76 -45.54
C PRO A 27 17.70 7.81 -46.47
N ASN A 28 17.86 8.91 -47.22
CA ASN A 28 19.02 9.11 -48.09
C ASN A 28 20.18 9.85 -47.42
N GLY A 29 20.08 10.02 -46.10
CA GLY A 29 21.13 10.63 -45.30
C GLY A 29 21.14 12.15 -45.27
N MET A 30 19.97 12.75 -45.42
CA MET A 30 19.82 14.21 -45.46
C MET A 30 19.10 14.72 -44.22
N ILE A 31 19.50 15.89 -43.76
CA ILE A 31 18.85 16.55 -42.63
C ILE A 31 18.09 17.81 -43.09
N VAL A 32 16.79 17.84 -42.79
CA VAL A 32 15.92 18.94 -43.22
C VAL A 32 15.23 19.58 -42.02
N THR A 33 15.35 20.89 -41.89
CA THR A 33 14.64 21.64 -40.85
C THR A 33 13.25 22.02 -41.35
N LEU A 34 12.23 21.78 -40.51
CA LEU A 34 10.84 22.05 -40.87
C LEU A 34 10.13 22.85 -39.78
N GLU A 35 9.36 23.84 -40.20
CA GLU A 35 8.60 24.68 -39.27
C GLU A 35 7.23 24.03 -39.00
N CYS A 36 6.90 23.86 -37.72
CA CYS A 36 5.70 23.13 -37.32
C CYS A 36 4.89 23.80 -36.21
N LEU A 37 3.74 23.20 -35.92
CA LEU A 37 2.86 23.65 -34.84
C LEU A 37 2.80 22.58 -33.76
N ARG A 38 2.64 23.00 -32.50
CA ARG A 38 2.55 22.07 -31.37
C ARG A 38 1.26 21.22 -31.39
N GLU A 39 0.28 21.68 -32.15
CA GLU A 39 -1.01 20.98 -32.30
C GLU A 39 -0.99 20.04 -33.50
N ALA A 40 -0.14 20.34 -34.47
CA ALA A 40 -0.08 19.63 -35.75
C ALA A 40 0.09 18.10 -35.62
N THR A 41 -0.41 17.38 -36.62
CA THR A 41 -0.33 15.92 -36.64
C THR A 41 0.82 15.43 -37.53
N LEU A 42 1.10 14.13 -37.47
CA LEU A 42 2.22 13.53 -38.20
C LEU A 42 1.97 13.44 -39.70
N ILE A 43 0.70 13.38 -40.11
CA ILE A 43 0.34 13.35 -41.53
C ILE A 43 0.69 14.67 -42.23
N THR A 44 0.43 15.79 -41.57
CA THR A 44 0.71 17.11 -42.13
C THR A 44 2.21 17.46 -42.06
N ILE A 45 2.90 16.95 -41.05
CA ILE A 45 4.36 17.09 -40.93
C ILE A 45 5.06 16.38 -42.10
N LYS A 46 4.64 15.16 -42.36
CA LYS A 46 5.20 14.33 -43.44
C LYS A 46 4.94 14.94 -44.82
N HIS A 47 3.78 15.57 -44.99
CA HIS A 47 3.44 16.24 -46.24
C HIS A 47 4.13 17.57 -46.36
N GLU A 48 4.33 18.24 -45.23
CA GLU A 48 5.11 19.47 -45.18
C GLU A 48 6.58 19.23 -45.48
N LEU A 49 7.09 18.07 -45.03
CA LEU A 49 8.50 17.71 -45.18
C LEU A 49 8.90 17.45 -46.63
N PHE A 50 8.20 16.53 -47.28
CA PHE A 50 8.51 16.15 -48.67
C PHE A 50 8.24 17.30 -49.66
N LYS A 51 7.47 18.28 -49.20
CA LYS A 51 7.26 19.53 -49.93
C LYS A 51 8.56 20.33 -49.99
N GLU A 52 9.31 20.31 -48.88
CA GLU A 52 10.58 21.04 -48.78
C GLU A 52 11.79 20.16 -49.12
N ALA A 53 11.63 18.84 -48.97
CA ALA A 53 12.69 17.87 -49.27
C ALA A 53 13.05 17.83 -50.76
N ARG A 54 12.17 18.39 -51.60
CA ARG A 54 12.40 18.52 -53.04
C ARG A 54 13.53 19.50 -53.35
N LYS A 55 13.72 20.48 -52.47
CA LYS A 55 14.78 21.48 -52.60
C LYS A 55 16.16 20.86 -52.33
N TYR A 56 16.23 20.04 -51.29
CA TYR A 56 17.48 19.42 -50.84
C TYR A 56 18.01 18.34 -51.80
N PRO A 57 19.34 18.06 -51.74
CA PRO A 57 20.00 17.11 -52.64
C PRO A 57 19.48 15.67 -52.52
N LEU A 58 19.64 14.91 -53.60
CA LEU A 58 19.33 13.47 -53.66
C LEU A 58 17.85 13.10 -53.44
N HIS A 59 16.96 14.07 -53.62
CA HIS A 59 15.51 13.86 -53.51
C HIS A 59 15.01 12.77 -54.42
N GLN A 60 15.69 12.60 -55.55
CA GLN A 60 15.35 11.59 -56.56
C GLN A 60 15.32 10.16 -56.01
N LEU A 61 16.07 9.92 -54.93
CA LEU A 61 16.14 8.60 -54.30
C LEU A 61 14.98 8.32 -53.33
N LEU A 62 14.20 9.35 -53.02
CA LEU A 62 13.08 9.23 -52.08
C LEU A 62 11.86 8.55 -52.72
N GLN A 63 11.26 7.62 -51.97
CA GLN A 63 10.07 6.90 -52.41
C GLN A 63 8.80 7.68 -52.07
N ASP A 64 7.65 7.02 -52.20
CA ASP A 64 6.37 7.62 -51.84
C ASP A 64 6.24 7.73 -50.32
N GLU A 65 5.44 8.69 -49.86
CA GLU A 65 5.18 8.92 -48.43
C GLU A 65 4.50 7.72 -47.76
N SER A 66 3.78 6.93 -48.56
CA SER A 66 3.09 5.73 -48.07
C SER A 66 4.06 4.59 -47.72
N SER A 67 5.30 4.71 -48.17
CA SER A 67 6.33 3.70 -47.92
C SER A 67 7.17 4.00 -46.66
N TYR A 68 7.02 5.20 -46.12
CA TYR A 68 7.85 5.67 -45.00
C TYR A 68 7.08 5.94 -43.71
N ILE A 69 7.79 5.93 -42.59
CA ILE A 69 7.22 6.21 -41.27
C ILE A 69 8.18 7.06 -40.41
N PHE A 70 7.64 7.78 -39.43
CA PHE A 70 8.45 8.56 -38.49
C PHE A 70 8.90 7.76 -37.27
N VAL A 71 10.18 7.90 -36.93
CA VAL A 71 10.77 7.28 -35.74
C VAL A 71 11.47 8.38 -34.92
N SER A 72 11.45 8.25 -33.60
CA SER A 72 12.13 9.20 -32.71
C SER A 72 12.34 8.63 -31.32
N VAL A 73 13.17 9.32 -30.52
CA VAL A 73 13.44 8.93 -29.14
C VAL A 73 12.47 9.66 -28.21
N THR A 74 12.02 8.98 -27.16
CA THR A 74 11.05 9.54 -26.22
C THR A 74 11.67 9.88 -24.86
N GLN A 75 10.86 10.48 -23.98
CA GLN A 75 11.28 10.89 -22.63
C GLN A 75 11.77 9.71 -21.80
N GLU A 76 11.31 8.51 -22.15
CA GLU A 76 11.66 7.29 -21.42
C GLU A 76 12.86 6.58 -22.03
N ALA A 77 13.59 7.30 -22.89
CA ALA A 77 14.83 6.81 -23.55
C ALA A 77 14.60 5.65 -24.54
N GLU A 78 13.40 5.59 -25.10
CA GLU A 78 13.02 4.51 -26.00
C GLU A 78 12.84 5.01 -27.43
N ARG A 79 13.45 4.30 -28.37
CA ARG A 79 13.28 4.56 -29.80
C ARG A 79 11.89 4.08 -30.21
N GLU A 80 11.01 5.01 -30.57
CA GLU A 80 9.62 4.71 -30.83
C GLU A 80 9.17 5.08 -32.26
N GLU A 81 8.58 4.10 -32.94
CA GLU A 81 8.00 4.32 -34.26
C GLU A 81 6.51 4.68 -34.16
N PHE A 82 6.15 5.81 -34.75
CA PHE A 82 4.80 6.37 -34.66
C PHE A 82 3.88 5.89 -35.79
N PHE A 83 3.10 4.86 -35.52
CA PHE A 83 2.18 4.31 -36.53
C PHE A 83 0.92 5.16 -36.66
N ASP A 84 0.34 5.54 -35.52
CA ASP A 84 -0.80 6.45 -35.50
C ASP A 84 -0.34 7.85 -35.92
N GLU A 85 -0.47 8.13 -37.21
CA GLU A 85 -0.01 9.40 -37.79
C GLU A 85 -1.01 10.55 -37.63
N THR A 86 -2.05 10.31 -36.83
CA THR A 86 -3.01 11.36 -36.47
C THR A 86 -2.85 11.72 -34.99
N ARG A 87 -1.60 11.77 -34.55
CA ARG A 87 -1.25 12.16 -33.17
C ARG A 87 -0.66 13.56 -33.16
N ARG A 88 -0.96 14.30 -32.09
CA ARG A 88 -0.46 15.67 -31.92
C ARG A 88 1.01 15.69 -31.50
N LEU A 89 1.73 16.71 -31.96
CA LEU A 89 3.17 16.85 -31.69
C LEU A 89 3.49 16.90 -30.20
N CYS A 90 2.64 17.57 -29.43
CA CYS A 90 2.80 17.65 -27.98
C CYS A 90 2.49 16.33 -27.29
N ASP A 91 1.68 15.49 -27.95
CA ASP A 91 1.29 14.18 -27.43
C ASP A 91 2.27 13.09 -27.85
N LEU A 92 3.25 13.44 -28.67
CA LEU A 92 4.27 12.50 -29.14
C LEU A 92 5.25 12.08 -28.03
N ARG A 93 5.38 12.93 -27.01
CA ARG A 93 6.24 12.67 -25.85
C ARG A 93 7.72 12.62 -26.25
N LEU A 94 8.15 13.59 -27.06
CA LEU A 94 9.50 13.59 -27.61
C LEU A 94 10.55 14.07 -26.61
N PHE A 95 11.70 13.40 -26.62
CA PHE A 95 12.87 13.86 -25.87
C PHE A 95 13.46 15.12 -26.50
N GLN A 96 13.66 15.08 -27.81
CA GLN A 96 14.12 16.25 -28.57
C GLN A 96 13.39 16.38 -29.90
N PRO A 97 13.23 17.62 -30.42
CA PRO A 97 12.45 17.87 -31.64
C PRO A 97 13.15 17.39 -32.92
N PHE A 98 13.24 16.06 -33.07
CA PHE A 98 13.79 15.48 -34.29
C PHE A 98 12.98 14.26 -34.71
N LEU A 99 12.88 14.05 -36.01
CA LEU A 99 12.17 12.90 -36.55
C LEU A 99 12.96 12.19 -37.64
N LYS A 100 13.15 10.88 -37.46
CA LYS A 100 13.83 10.06 -38.45
C LYS A 100 12.79 9.29 -39.26
N VAL A 101 12.82 9.49 -40.58
CA VAL A 101 11.89 8.78 -41.45
C VAL A 101 12.54 7.53 -42.08
N ILE A 102 12.07 6.35 -41.66
CA ILE A 102 12.54 5.08 -42.23
C ILE A 102 11.40 4.15 -42.61
N GLU A 103 11.75 3.05 -43.28
CA GLU A 103 10.78 2.05 -43.70
C GLU A 103 10.59 1.01 -42.59
N PRO A 104 9.33 0.79 -42.17
CA PRO A 104 9.04 -0.12 -41.06
C PRO A 104 9.13 -1.59 -41.44
N VAL A 105 9.80 -2.37 -40.59
CA VAL A 105 9.93 -3.82 -40.78
C VAL A 105 9.57 -4.58 -39.49
N GLY A 106 9.03 -5.78 -39.65
CA GLY A 106 8.64 -6.63 -38.51
C GLY A 106 7.16 -6.59 -38.23
N ASN A 107 6.77 -7.17 -37.10
CA ASN A 107 5.36 -7.25 -36.71
C ASN A 107 4.83 -5.94 -36.15
N ARG A 108 4.04 -5.23 -36.96
CA ARG A 108 3.46 -3.95 -36.58
C ARG A 108 2.46 -4.08 -35.43
N GLU A 109 1.66 -5.15 -35.45
CA GLU A 109 0.57 -5.35 -34.50
C GLU A 109 1.08 -5.40 -33.06
N GLU A 110 2.09 -6.23 -32.82
CA GLU A 110 2.66 -6.40 -31.48
C GLU A 110 3.53 -5.23 -31.05
N LYS A 111 4.01 -4.43 -32.00
CA LYS A 111 4.74 -3.21 -31.68
C LYS A 111 3.81 -2.14 -31.13
N ILE A 112 2.63 -2.02 -31.74
CA ILE A 112 1.59 -1.09 -31.26
C ILE A 112 1.13 -1.48 -29.86
N LEU A 113 0.95 -2.79 -29.66
CA LEU A 113 0.52 -3.35 -28.38
C LEU A 113 1.57 -3.15 -27.28
N ASN A 114 2.84 -3.40 -27.62
CA ASN A 114 3.96 -3.18 -26.70
C ASN A 114 4.08 -1.75 -26.19
N ARG A 115 3.73 -0.78 -27.04
CA ARG A 115 3.85 0.62 -26.67
C ARG A 115 2.63 1.06 -25.84
N GLU A 116 1.50 0.38 -26.03
CA GLU A 116 0.29 0.65 -25.26
C GLU A 116 0.35 0.06 -23.85
N ILE A 117 1.00 -1.09 -23.72
CA ILE A 117 1.29 -1.66 -22.39
C ILE A 117 2.29 -0.75 -21.71
N GLY A 118 3.39 -0.47 -22.40
CA GLY A 118 4.44 0.40 -21.89
C GLY A 118 3.93 1.72 -21.37
N PHE A 119 2.96 2.30 -22.07
CA PHE A 119 2.39 3.59 -21.68
C PHE A 119 1.58 3.49 -20.39
N ALA A 120 0.77 2.45 -20.28
CA ALA A 120 -0.03 2.21 -19.07
C ALA A 120 0.87 1.85 -17.91
N ILE A 121 1.86 1.01 -18.19
CA ILE A 121 2.73 0.41 -17.18
C ILE A 121 3.65 1.44 -16.53
N GLY A 122 3.94 2.51 -17.25
CA GLY A 122 4.82 3.56 -16.75
C GLY A 122 6.27 3.43 -17.24
N MET A 123 6.62 2.25 -17.72
CA MET A 123 7.97 1.97 -18.22
C MET A 123 7.92 1.20 -19.54
N PRO A 124 8.96 1.33 -20.38
CA PRO A 124 9.01 0.56 -21.64
C PRO A 124 9.17 -0.95 -21.40
N VAL A 125 8.35 -1.74 -22.10
CA VAL A 125 8.32 -3.20 -21.94
C VAL A 125 9.65 -3.86 -22.32
N CYS A 126 10.43 -3.20 -23.19
CA CYS A 126 11.72 -3.72 -23.63
C CYS A 126 12.80 -3.64 -22.54
N GLU A 127 12.49 -2.94 -21.45
CA GLU A 127 13.40 -2.90 -20.29
C GLU A 127 13.39 -4.23 -19.55
N PHE A 128 12.35 -5.03 -19.78
CA PHE A 128 12.28 -6.38 -19.22
C PHE A 128 13.08 -7.38 -20.04
N ASP A 129 13.22 -7.12 -21.34
CA ASP A 129 13.98 -7.98 -22.27
C ASP A 129 15.46 -8.08 -21.88
N MET A 130 16.02 -6.97 -21.39
CA MET A 130 17.43 -6.89 -21.02
C MET A 130 17.69 -7.20 -19.54
N VAL A 131 16.80 -7.98 -18.93
CA VAL A 131 17.02 -8.48 -17.57
C VAL A 131 17.64 -9.89 -17.60
N LYS A 132 18.87 -9.97 -17.11
CA LYS A 132 19.65 -11.22 -17.08
C LYS A 132 19.04 -12.26 -16.17
N ASP A 133 18.53 -11.79 -15.02
CA ASP A 133 17.96 -12.62 -13.95
C ASP A 133 16.91 -13.62 -14.48
N PRO A 134 17.19 -14.93 -14.34
CA PRO A 134 16.30 -15.98 -14.85
C PRO A 134 14.89 -15.98 -14.22
N GLU A 135 14.79 -15.65 -12.93
CA GLU A 135 13.51 -15.58 -12.24
C GLU A 135 12.53 -14.62 -12.92
N VAL A 136 13.06 -13.49 -13.37
CA VAL A 136 12.28 -12.48 -14.08
C VAL A 136 11.71 -13.00 -15.40
N GLN A 137 12.57 -13.63 -16.22
CA GLN A 137 12.15 -14.16 -17.52
C GLN A 137 11.26 -15.40 -17.37
N ASP A 138 11.46 -16.17 -16.29
CA ASP A 138 10.60 -17.31 -15.99
C ASP A 138 9.20 -16.84 -15.62
N PHE A 139 9.12 -15.77 -14.82
CA PHE A 139 7.84 -15.18 -14.45
C PHE A 139 7.08 -14.71 -15.68
N ARG A 140 7.77 -14.06 -16.62
CA ARG A 140 7.13 -13.53 -17.82
C ARG A 140 6.52 -14.61 -18.69
N ARG A 141 7.20 -15.75 -18.79
CA ARG A 141 6.73 -16.87 -19.60
C ARG A 141 5.68 -17.69 -18.88
N ASN A 142 5.96 -18.06 -17.63
CA ASN A 142 5.09 -18.94 -16.85
C ASN A 142 3.76 -18.30 -16.46
N ILE A 143 3.76 -16.97 -16.27
CA ILE A 143 2.55 -16.25 -15.92
C ILE A 143 1.52 -16.21 -17.06
N LEU A 144 2.01 -16.32 -18.30
CA LEU A 144 1.15 -16.35 -19.49
C LEU A 144 0.17 -17.52 -19.47
N ASN A 145 0.59 -18.62 -18.87
CA ASN A 145 -0.28 -19.79 -18.68
C ASN A 145 -1.51 -19.42 -17.88
N VAL A 146 -1.31 -18.59 -16.85
CA VAL A 146 -2.41 -18.04 -16.05
C VAL A 146 -3.30 -17.15 -16.92
N CYS A 147 -2.67 -16.28 -17.70
CA CYS A 147 -3.37 -15.30 -18.53
C CYS A 147 -4.29 -15.92 -19.57
N LYS A 148 -3.78 -16.85 -20.38
CA LYS A 148 -4.59 -17.50 -21.41
C LYS A 148 -5.61 -18.47 -20.80
N GLU A 149 -5.27 -19.02 -19.64
CA GLU A 149 -6.19 -19.89 -18.90
C GLU A 149 -7.34 -19.06 -18.35
N ALA A 150 -7.09 -17.78 -18.09
CA ALA A 150 -8.10 -16.87 -17.58
C ALA A 150 -9.08 -16.39 -18.67
N VAL A 151 -8.59 -16.24 -19.90
CA VAL A 151 -9.45 -15.80 -21.01
C VAL A 151 -10.41 -16.90 -21.48
N ASP A 152 -10.17 -18.13 -21.03
CA ASP A 152 -11.03 -19.27 -21.35
C ASP A 152 -12.25 -19.35 -20.44
N LEU A 153 -12.15 -18.78 -19.25
CA LEU A 153 -13.29 -18.63 -18.35
C LEU A 153 -14.19 -17.50 -18.89
N ARG A 154 -13.58 -16.60 -19.66
CA ARG A 154 -14.30 -15.51 -20.31
C ARG A 154 -15.03 -15.96 -21.58
N ASP A 155 -14.93 -17.25 -21.88
CA ASP A 155 -15.55 -17.82 -23.09
C ASP A 155 -16.29 -19.14 -22.83
N LEU A 156 -16.61 -19.40 -21.56
CA LEU A 156 -17.34 -20.61 -21.17
C LEU A 156 -18.79 -20.56 -21.63
N ASN A 157 -19.33 -19.35 -21.75
CA ASN A 157 -20.69 -19.13 -22.26
C ASN A 157 -20.79 -17.77 -22.97
N SER A 158 -20.06 -17.65 -24.07
CA SER A 158 -20.03 -16.44 -24.89
C SER A 158 -21.37 -16.21 -25.60
N PRO A 159 -21.84 -14.94 -25.68
CA PRO A 159 -21.20 -13.72 -25.21
C PRO A 159 -21.69 -13.21 -23.84
N HIS A 160 -22.35 -14.09 -23.08
CA HIS A 160 -22.79 -13.76 -21.72
C HIS A 160 -21.62 -13.71 -20.76
N SER A 161 -20.60 -14.51 -21.06
CA SER A 161 -19.35 -14.51 -20.30
C SER A 161 -18.62 -13.18 -20.43
N ARG A 162 -18.63 -12.62 -21.64
CA ARG A 162 -18.05 -11.31 -21.92
C ARG A 162 -18.73 -10.19 -21.15
N ALA A 163 -20.05 -10.30 -20.99
CA ALA A 163 -20.84 -9.30 -20.27
C ALA A 163 -20.61 -9.38 -18.76
N MET A 164 -20.52 -10.61 -18.24
CA MET A 164 -20.24 -10.86 -16.82
C MET A 164 -18.85 -10.34 -16.44
N TYR A 165 -17.93 -10.38 -17.39
CA TYR A 165 -16.57 -9.92 -17.18
C TYR A 165 -16.51 -8.40 -17.14
N VAL A 166 -17.04 -7.74 -18.18
CA VAL A 166 -16.98 -6.29 -18.32
C VAL A 166 -17.90 -5.58 -17.31
N TYR A 167 -19.09 -6.13 -17.12
CA TYR A 167 -20.04 -5.58 -16.16
C TYR A 167 -20.44 -6.64 -15.12
N PRO A 168 -19.57 -6.89 -14.13
CA PRO A 168 -19.86 -7.93 -13.15
C PRO A 168 -20.94 -7.47 -12.17
N PRO A 169 -21.75 -8.40 -11.65
CA PRO A 169 -22.76 -8.01 -10.67
C PRO A 169 -22.11 -7.41 -9.43
N ASN A 170 -22.55 -6.20 -9.09
CA ASN A 170 -22.06 -5.54 -7.88
C ASN A 170 -22.94 -5.92 -6.70
N VAL A 171 -22.67 -7.09 -6.14
CA VAL A 171 -23.52 -7.67 -5.09
C VAL A 171 -22.87 -7.66 -3.70
N GLU A 172 -23.68 -7.97 -2.69
CA GLU A 172 -23.19 -8.17 -1.34
C GLU A 172 -22.68 -9.60 -1.22
N SER A 173 -22.10 -9.93 -0.06
CA SER A 173 -21.63 -11.29 0.19
C SER A 173 -22.78 -12.25 0.46
N SER A 174 -23.84 -11.77 1.12
CA SER A 174 -24.96 -12.61 1.53
C SER A 174 -26.31 -12.08 1.07
N PRO A 175 -27.19 -12.99 0.57
CA PRO A 175 -28.57 -12.66 0.19
C PRO A 175 -29.45 -12.27 1.38
N GLU A 176 -29.06 -12.74 2.58
CA GLU A 176 -29.79 -12.45 3.80
C GLU A 176 -29.70 -10.95 4.14
N LEU A 177 -30.85 -10.34 4.37
CA LEU A 177 -30.91 -8.92 4.74
C LEU A 177 -30.99 -8.77 6.25
N PRO A 178 -30.33 -7.74 6.82
CA PRO A 178 -30.48 -7.38 8.23
C PRO A 178 -31.91 -6.93 8.57
N LYS A 179 -32.22 -6.85 9.87
CA LYS A 179 -33.57 -6.54 10.32
C LYS A 179 -34.06 -5.14 9.92
N HIS A 180 -33.22 -4.13 10.15
CA HIS A 180 -33.62 -2.73 9.93
C HIS A 180 -33.73 -2.34 8.46
N ILE A 181 -33.16 -3.17 7.58
CA ILE A 181 -33.33 -2.99 6.14
C ILE A 181 -34.69 -3.54 5.73
N TYR A 182 -35.00 -4.75 6.17
CA TYR A 182 -36.26 -5.43 5.92
C TYR A 182 -37.45 -4.66 6.51
N ASN A 183 -37.25 -4.10 7.69
CA ASN A 183 -38.28 -3.30 8.36
C ASN A 183 -38.60 -1.98 7.65
N LYS A 184 -37.74 -1.58 6.72
CA LYS A 184 -38.01 -0.40 5.89
C LYS A 184 -38.87 -0.75 4.68
N LEU A 185 -38.82 -2.02 4.27
CA LEU A 185 -39.65 -2.52 3.18
C LEU A 185 -41.10 -2.71 3.60
N ASP A 186 -42.03 -2.45 2.69
CA ASP A 186 -43.45 -2.68 2.92
C ASP A 186 -43.76 -4.18 2.75
N LYS A 187 -43.99 -4.86 3.88
CA LYS A 187 -44.18 -6.32 3.96
C LYS A 187 -43.17 -7.17 3.15
N GLY A 188 -41.96 -6.62 2.97
CA GLY A 188 -40.90 -7.30 2.24
C GLY A 188 -40.94 -7.08 0.73
N GLN A 189 -41.44 -5.91 0.34
CA GLN A 189 -41.56 -5.55 -1.07
C GLN A 189 -40.99 -4.16 -1.35
N ILE A 190 -40.44 -3.99 -2.55
CA ILE A 190 -39.76 -2.74 -2.93
C ILE A 190 -40.37 -2.12 -4.19
N ILE A 191 -40.68 -0.83 -4.11
CA ILE A 191 -41.19 -0.06 -5.23
C ILE A 191 -40.05 0.35 -6.16
N VAL A 192 -40.08 -0.14 -7.39
CA VAL A 192 -39.00 0.05 -8.37
C VAL A 192 -39.52 0.63 -9.69
N VAL A 193 -38.85 1.67 -10.18
CA VAL A 193 -39.24 2.35 -11.41
C VAL A 193 -38.36 1.90 -12.58
N ILE A 194 -38.97 1.36 -13.62
CA ILE A 194 -38.25 0.93 -14.82
C ILE A 194 -38.55 1.89 -15.97
N TRP A 195 -37.49 2.46 -16.54
CA TRP A 195 -37.62 3.41 -17.65
C TRP A 195 -37.30 2.73 -18.95
N VAL A 196 -38.02 3.12 -20.00
CA VAL A 196 -37.74 2.62 -21.36
C VAL A 196 -37.66 3.78 -22.35
N ILE A 197 -36.85 3.60 -23.40
CA ILE A 197 -36.64 4.66 -24.40
C ILE A 197 -37.36 4.39 -25.72
N VAL A 198 -37.71 5.47 -26.40
CA VAL A 198 -38.17 5.42 -27.79
C VAL A 198 -37.37 6.46 -28.58
N SER A 199 -36.10 6.12 -28.83
CA SER A 199 -35.07 7.05 -29.35
C SER A 199 -35.43 7.94 -30.55
N PRO A 200 -36.25 7.44 -31.51
CA PRO A 200 -36.78 8.35 -32.53
C PRO A 200 -37.53 9.55 -31.92
N ASN A 201 -38.36 9.28 -30.92
CA ASN A 201 -39.02 10.33 -30.14
C ASN A 201 -38.13 10.86 -29.03
N ASN A 202 -37.13 10.06 -28.65
CA ASN A 202 -36.13 10.39 -27.62
C ASN A 202 -36.72 10.89 -26.29
N ASP A 203 -37.74 10.19 -25.80
CA ASP A 203 -38.34 10.50 -24.51
C ASP A 203 -38.66 9.24 -23.71
N LYS A 204 -38.86 9.41 -22.40
CA LYS A 204 -38.94 8.30 -21.46
C LYS A 204 -40.35 8.12 -20.89
N GLN A 205 -40.73 6.86 -20.66
CA GLN A 205 -41.99 6.51 -20.01
C GLN A 205 -41.69 5.66 -18.78
N LYS A 206 -42.08 6.16 -17.61
CA LYS A 206 -41.79 5.49 -16.34
C LYS A 206 -42.87 4.49 -15.94
N TYR A 207 -42.43 3.38 -15.35
CA TYR A 207 -43.33 2.32 -14.90
C TYR A 207 -43.02 1.91 -13.47
N THR A 208 -43.86 2.36 -12.54
CA THR A 208 -43.66 2.06 -11.12
C THR A 208 -44.19 0.66 -10.78
N LEU A 209 -43.31 -0.17 -10.24
CA LEU A 209 -43.63 -1.55 -9.88
C LEU A 209 -43.52 -1.76 -8.38
N LYS A 210 -44.23 -2.77 -7.87
CA LYS A 210 -44.16 -3.15 -6.46
C LYS A 210 -44.03 -4.66 -6.33
N ILE A 211 -42.79 -5.14 -6.32
CA ILE A 211 -42.50 -6.57 -6.28
C ILE A 211 -41.66 -6.93 -5.05
N ASN A 212 -41.56 -8.23 -4.76
CA ASN A 212 -40.72 -8.74 -3.68
C ASN A 212 -39.26 -8.33 -3.83
N HIS A 213 -38.59 -8.11 -2.70
CA HIS A 213 -37.19 -7.69 -2.69
C HIS A 213 -36.27 -8.75 -3.26
N ASP A 214 -36.64 -10.01 -3.05
CA ASP A 214 -35.79 -11.15 -3.40
C ASP A 214 -36.03 -11.66 -4.83
N CYS A 215 -36.69 -10.86 -5.64
CA CYS A 215 -36.95 -11.19 -7.04
C CYS A 215 -35.68 -11.11 -7.88
N VAL A 216 -35.43 -12.15 -8.66
CA VAL A 216 -34.38 -12.15 -9.67
C VAL A 216 -34.82 -11.23 -10.80
N PRO A 217 -33.87 -10.49 -11.43
CA PRO A 217 -34.14 -9.61 -12.57
C PRO A 217 -35.18 -10.11 -13.57
N GLU A 218 -35.38 -11.42 -13.65
CA GLU A 218 -36.39 -12.01 -14.54
C GLU A 218 -37.81 -11.75 -14.06
N GLN A 219 -38.02 -11.84 -12.75
CA GLN A 219 -39.31 -11.49 -12.14
C GLN A 219 -39.54 -9.97 -12.19
N VAL A 220 -38.45 -9.21 -12.23
CA VAL A 220 -38.50 -7.76 -12.40
C VAL A 220 -38.73 -7.43 -13.87
N ILE A 221 -38.28 -8.31 -14.76
CA ILE A 221 -38.44 -8.13 -16.20
C ILE A 221 -39.83 -8.61 -16.66
N ALA A 222 -40.40 -9.55 -15.91
CA ALA A 222 -41.72 -10.09 -16.21
C ALA A 222 -42.83 -9.10 -15.87
N GLU A 223 -42.75 -8.53 -14.68
CA GLU A 223 -43.73 -7.56 -14.18
C GLU A 223 -43.70 -6.26 -14.98
N ALA A 224 -42.51 -5.89 -15.48
CA ALA A 224 -42.30 -4.64 -16.20
C ALA A 224 -43.15 -4.52 -17.47
N ILE A 225 -43.31 -5.63 -18.18
CA ILE A 225 -44.05 -5.65 -19.45
C ILE A 225 -45.54 -5.38 -19.21
N ARG A 226 -46.06 -5.88 -18.09
CA ARG A 226 -47.46 -5.70 -17.73
C ARG A 226 -47.83 -4.23 -17.53
N LYS A 227 -46.95 -3.50 -16.85
CA LYS A 227 -47.14 -2.08 -16.58
C LYS A 227 -46.95 -1.25 -17.84
N GLN A 238 -52.03 -14.28 -24.21
CA GLN A 238 -50.75 -13.63 -24.50
C GLN A 238 -50.15 -12.98 -23.25
N LEU A 239 -50.84 -13.13 -22.12
CA LEU A 239 -50.42 -12.57 -20.84
C LEU A 239 -49.12 -13.18 -20.31
N LYS A 240 -48.93 -14.48 -20.56
CA LYS A 240 -47.75 -15.20 -20.11
C LYS A 240 -46.81 -15.55 -21.27
N LEU A 241 -47.19 -15.16 -22.48
CA LEU A 241 -46.43 -15.48 -23.69
C LEU A 241 -45.15 -14.65 -23.82
N CYS A 242 -45.23 -13.38 -23.43
CA CYS A 242 -44.10 -12.46 -23.49
C CYS A 242 -43.02 -12.79 -22.45
N VAL A 243 -43.46 -13.33 -21.31
CA VAL A 243 -42.54 -13.73 -20.24
C VAL A 243 -42.04 -15.17 -20.45
N LEU A 244 -42.51 -15.79 -21.53
CA LEU A 244 -42.08 -17.14 -21.92
C LEU A 244 -41.04 -17.07 -23.04
N GLU A 245 -41.22 -16.11 -23.94
CA GLU A 245 -40.30 -15.92 -25.07
C GLU A 245 -39.33 -14.76 -24.83
N TYR A 246 -39.87 -13.56 -24.59
CA TYR A 246 -39.06 -12.36 -24.42
C TYR A 246 -38.64 -12.12 -22.97
N GLN A 247 -38.47 -13.20 -22.21
CA GLN A 247 -38.03 -13.12 -20.82
C GLN A 247 -36.53 -12.80 -20.74
N GLY A 248 -35.71 -13.69 -21.28
CA GLY A 248 -34.26 -13.49 -21.37
C GLY A 248 -33.88 -12.85 -22.69
N LYS A 249 -34.49 -11.72 -22.98
CA LYS A 249 -34.27 -10.98 -24.22
C LYS A 249 -33.85 -9.55 -23.92
N TYR A 250 -34.03 -9.16 -22.65
CA TYR A 250 -33.67 -7.82 -22.19
C TYR A 250 -32.78 -7.88 -20.93
N ILE A 251 -32.16 -6.76 -20.59
CA ILE A 251 -31.34 -6.63 -19.38
C ILE A 251 -31.62 -5.33 -18.64
N LEU A 252 -31.38 -5.34 -17.32
CA LEU A 252 -31.61 -4.16 -16.49
C LEU A 252 -30.33 -3.37 -16.24
N LYS A 253 -30.47 -2.05 -16.21
CA LYS A 253 -29.36 -1.12 -16.05
C LYS A 253 -29.73 -0.08 -15.00
N VAL A 254 -28.73 0.38 -14.23
CA VAL A 254 -28.94 1.48 -13.29
C VAL A 254 -28.93 2.80 -14.05
N CYS A 255 -29.86 3.69 -13.70
CA CYS A 255 -29.95 5.02 -14.31
C CYS A 255 -28.78 5.91 -13.89
N GLY A 256 -28.10 6.49 -14.87
CA GLY A 256 -26.95 7.35 -14.63
C GLY A 256 -25.70 6.59 -14.22
N CYS A 257 -25.64 5.31 -14.56
CA CYS A 257 -24.54 4.41 -14.19
C CYS A 257 -24.25 3.41 -15.30
N ASP A 258 -23.01 2.93 -15.32
CA ASP A 258 -22.67 1.75 -16.13
C ASP A 258 -22.63 0.52 -15.22
N GLU A 259 -23.77 0.25 -14.59
CA GLU A 259 -23.93 -0.89 -13.69
C GLU A 259 -25.15 -1.70 -14.13
N TYR A 260 -24.92 -2.98 -14.43
CA TYR A 260 -25.95 -3.83 -15.01
C TYR A 260 -26.26 -5.04 -14.13
N PHE A 261 -27.49 -5.53 -14.23
CA PHE A 261 -27.96 -6.71 -13.51
C PHE A 261 -27.99 -7.87 -14.50
N LEU A 262 -27.04 -8.77 -14.42
CA LEU A 262 -26.89 -9.82 -15.44
C LEU A 262 -27.03 -11.25 -14.91
N GLU A 263 -26.84 -11.42 -13.61
CA GLU A 263 -26.85 -12.76 -12.99
C GLU A 263 -28.06 -12.94 -12.07
N LYS A 264 -28.43 -14.20 -11.86
CA LYS A 264 -29.55 -14.56 -10.98
C LYS A 264 -29.21 -14.32 -9.50
N TYR A 265 -29.45 -13.08 -9.06
CA TYR A 265 -29.32 -12.71 -7.66
C TYR A 265 -30.62 -12.04 -7.23
N PRO A 266 -31.03 -12.26 -5.96
CA PRO A 266 -32.14 -11.49 -5.40
C PRO A 266 -31.86 -9.99 -5.54
N LEU A 267 -32.84 -9.24 -6.05
CA LEU A 267 -32.66 -7.83 -6.40
C LEU A 267 -32.02 -7.01 -5.28
N SER A 268 -32.42 -7.30 -4.04
CA SER A 268 -31.93 -6.60 -2.86
C SER A 268 -30.45 -6.85 -2.54
N GLN A 269 -29.89 -7.89 -3.14
CA GLN A 269 -28.48 -8.23 -2.91
C GLN A 269 -27.53 -7.36 -3.71
N TYR A 270 -28.03 -6.75 -4.79
CA TYR A 270 -27.27 -5.75 -5.54
C TYR A 270 -27.09 -4.50 -4.71
N LYS A 271 -25.86 -3.98 -4.67
CA LYS A 271 -25.49 -2.85 -3.81
C LYS A 271 -26.38 -1.62 -4.00
N TYR A 272 -26.71 -1.30 -5.25
CA TYR A 272 -27.52 -0.13 -5.57
C TYR A 272 -28.92 -0.21 -4.96
N ILE A 273 -29.59 -1.33 -5.19
CA ILE A 273 -30.92 -1.59 -4.65
C ILE A 273 -30.90 -1.56 -3.11
N ARG A 274 -29.92 -2.25 -2.53
CA ARG A 274 -29.71 -2.27 -1.09
C ARG A 274 -29.45 -0.86 -0.55
N SER A 275 -28.76 -0.05 -1.34
CA SER A 275 -28.47 1.34 -1.00
C SER A 275 -29.74 2.19 -1.03
N CYS A 276 -30.61 1.89 -2.00
CA CYS A 276 -31.88 2.63 -2.16
C CYS A 276 -32.82 2.49 -0.96
N ILE A 277 -32.84 1.31 -0.35
CA ILE A 277 -33.71 1.02 0.79
C ILE A 277 -33.33 1.86 2.01
N MET A 278 -32.03 1.86 2.35
CA MET A 278 -31.51 2.58 3.51
C MET A 278 -31.61 4.10 3.34
N LEU A 279 -31.40 4.56 2.12
CA LEU A 279 -31.46 5.99 1.79
C LEU A 279 -32.90 6.50 1.74
N GLY A 280 -33.84 5.58 1.44
CA GLY A 280 -35.24 5.94 1.26
C GLY A 280 -35.54 6.38 -0.16
N ARG A 281 -34.58 6.16 -1.07
CA ARG A 281 -34.74 6.51 -2.48
C ARG A 281 -35.34 5.36 -3.28
N MET A 282 -36.06 5.71 -4.34
CA MET A 282 -36.65 4.71 -5.24
C MET A 282 -35.62 4.25 -6.26
N PRO A 283 -35.49 2.91 -6.43
CA PRO A 283 -34.61 2.32 -7.44
C PRO A 283 -35.07 2.64 -8.86
N ASN A 284 -34.27 3.43 -9.58
CA ASN A 284 -34.53 3.72 -10.98
C ASN A 284 -33.73 2.81 -11.89
N LEU A 285 -34.36 1.73 -12.33
CA LEU A 285 -33.75 0.82 -13.30
C LEU A 285 -34.11 1.23 -14.72
N MET A 286 -33.45 0.63 -15.70
CA MET A 286 -33.73 0.90 -17.10
C MET A 286 -33.81 -0.39 -17.91
N LEU A 287 -34.87 -0.53 -18.69
CA LEU A 287 -35.02 -1.66 -19.59
C LEU A 287 -34.22 -1.44 -20.86
N MET A 288 -33.52 -2.48 -21.30
CA MET A 288 -32.60 -2.39 -22.42
C MET A 288 -32.42 -3.76 -23.08
N ALA A 289 -32.31 -3.79 -24.40
CA ALA A 289 -32.17 -5.03 -25.15
C ALA A 289 -30.84 -5.74 -24.87
N LYS A 290 -30.91 -7.06 -24.66
CA LYS A 290 -29.74 -7.89 -24.42
C LYS A 290 -28.73 -7.73 -25.55
N GLU A 291 -29.22 -7.85 -26.79
CA GLU A 291 -28.39 -7.78 -27.98
C GLU A 291 -27.74 -6.40 -28.16
N SER A 292 -28.40 -5.37 -27.64
CA SER A 292 -27.93 -3.99 -27.76
C SER A 292 -26.60 -3.74 -27.03
N LEU A 293 -26.39 -4.45 -25.94
CA LEU A 293 -25.13 -4.36 -25.19
C LEU A 293 -24.16 -5.46 -25.62
N TYR A 294 -24.70 -6.62 -26.01
CA TYR A 294 -23.90 -7.78 -26.40
C TYR A 294 -23.10 -7.54 -27.68
N SER A 295 -23.67 -6.77 -28.60
CA SER A 295 -22.99 -6.40 -29.84
C SER A 295 -22.08 -5.18 -29.63
N GLN A 296 -22.38 -4.38 -28.61
CA GLN A 296 -21.56 -3.23 -28.23
C GLN A 296 -20.25 -3.66 -27.57
N LEU A 297 -20.23 -4.90 -27.06
CA LEU A 297 -19.04 -5.47 -26.44
C LEU A 297 -17.94 -5.76 -27.46
N PRO A 298 -16.68 -5.49 -27.09
CA PRO A 298 -15.54 -5.55 -28.00
C PRO A 298 -15.14 -6.96 -28.44
N MET A 299 -15.38 -7.95 -27.58
CA MET A 299 -14.97 -9.34 -27.82
C MET A 299 -13.46 -9.42 -28.08
N ASP A 300 -12.67 -9.06 -27.07
CA ASP A 300 -11.21 -8.96 -27.19
C ASP A 300 -10.51 -10.32 -27.15
N CYS A 301 -9.71 -10.58 -28.17
CA CYS A 301 -8.97 -11.84 -28.29
C CYS A 301 -7.58 -11.76 -27.65
N PHE A 302 -6.96 -12.93 -27.45
CA PHE A 302 -5.65 -13.02 -26.82
C PHE A 302 -4.58 -13.54 -27.79
N THR A 303 -3.41 -12.90 -27.75
CA THR A 303 -2.27 -13.29 -28.58
C THR A 303 -1.04 -13.53 -27.71
N MET A 304 -0.32 -14.62 -27.99
CA MET A 304 0.95 -14.91 -27.33
C MET A 304 2.05 -13.97 -27.84
N PRO A 305 2.75 -13.28 -26.92
CA PRO A 305 3.85 -12.39 -27.30
C PRO A 305 5.08 -13.17 -27.75
N SER A 306 6.05 -12.45 -28.33
CA SER A 306 7.26 -13.08 -28.87
C SER A 306 8.18 -13.70 -27.80
N TYR A 307 8.08 -13.21 -26.57
CA TYR A 307 8.92 -13.73 -25.47
C TYR A 307 8.37 -14.99 -24.79
N SER A 308 7.45 -15.67 -25.47
CA SER A 308 6.83 -16.90 -24.94
C SER A 308 7.83 -18.02 -24.70
N THR A 324 24.57 -32.46 -7.54
CA THR A 324 23.34 -32.03 -6.88
C THR A 324 23.07 -32.79 -5.57
N LYS A 325 23.19 -32.07 -4.46
CA LYS A 325 23.01 -32.64 -3.13
C LYS A 325 21.77 -32.10 -2.43
N SER A 326 21.21 -32.89 -1.52
CA SER A 326 20.11 -32.44 -0.67
C SER A 326 20.64 -31.64 0.53
N LEU A 327 19.87 -30.64 0.95
CA LEU A 327 20.20 -29.80 2.11
C LEU A 327 20.44 -30.61 3.39
N TRP A 328 19.68 -31.70 3.56
CA TRP A 328 19.77 -32.53 4.77
C TRP A 328 20.92 -33.50 4.75
N VAL A 329 21.78 -33.37 3.75
CA VAL A 329 22.95 -34.23 3.59
C VAL A 329 24.24 -33.50 3.99
N ILE A 330 24.13 -32.20 4.21
CA ILE A 330 25.28 -31.35 4.55
C ILE A 330 25.56 -31.32 6.04
N ASN A 331 26.66 -31.95 6.44
CA ASN A 331 27.11 -31.97 7.82
C ASN A 331 27.98 -30.76 8.14
N SER A 332 27.36 -29.59 8.21
CA SER A 332 28.08 -28.34 8.47
C SER A 332 27.17 -27.25 9.03
N ALA A 333 27.70 -26.47 9.97
CA ALA A 333 27.02 -25.27 10.49
C ALA A 333 27.09 -24.16 9.46
N LEU A 334 26.11 -23.25 9.50
CA LEU A 334 26.07 -22.11 8.58
C LEU A 334 27.15 -21.08 8.89
N ARG A 335 27.80 -20.59 7.84
CA ARG A 335 28.74 -19.47 7.94
C ARG A 335 28.75 -18.64 6.67
N ILE A 336 28.84 -17.33 6.84
CA ILE A 336 28.85 -16.39 5.72
C ILE A 336 30.04 -15.44 5.89
N LYS A 337 30.78 -15.22 4.81
CA LYS A 337 31.91 -14.30 4.82
C LYS A 337 31.49 -12.91 4.37
N ILE A 338 31.78 -11.91 5.22
CA ILE A 338 31.61 -10.52 4.84
C ILE A 338 32.97 -10.02 4.37
N LEU A 339 33.06 -9.71 3.09
CA LEU A 339 34.33 -9.24 2.53
C LEU A 339 34.52 -7.75 2.80
N CYS A 340 33.81 -6.91 2.05
CA CYS A 340 34.01 -5.46 2.08
C CYS A 340 32.79 -4.71 1.54
N ALA A 341 32.71 -3.42 1.89
CA ALA A 341 31.72 -2.52 1.32
C ALA A 341 32.46 -1.45 0.52
N THR A 342 31.92 -1.09 -0.63
CA THR A 342 32.56 -0.10 -1.50
C THR A 342 32.70 1.26 -0.80
N TYR A 343 31.60 1.74 -0.23
CA TYR A 343 31.59 3.01 0.51
C TYR A 343 30.31 3.18 1.33
N VAL A 344 30.41 4.01 2.38
CA VAL A 344 29.23 4.53 3.07
C VAL A 344 29.30 6.05 3.09
N ASN A 345 28.14 6.71 3.01
CA ASN A 345 28.09 8.15 3.08
C ASN A 345 28.00 8.60 4.53
N VAL A 346 29.17 8.80 5.13
CA VAL A 346 29.27 9.12 6.54
C VAL A 346 30.40 10.11 6.81
N ASN A 347 30.16 11.07 7.70
CA ASN A 347 31.20 12.05 8.08
C ASN A 347 32.16 11.48 9.11
N ILE A 348 33.42 11.39 8.71
CA ILE A 348 34.50 10.81 9.52
C ILE A 348 34.64 11.48 10.90
N ARG A 349 34.27 12.76 10.95
CA ARG A 349 34.28 13.56 12.17
C ARG A 349 33.35 13.02 13.26
N ASP A 350 32.14 12.62 12.84
CA ASP A 350 31.02 12.37 13.77
C ASP A 350 30.86 10.92 14.19
N ILE A 351 31.28 10.00 13.33
CA ILE A 351 31.11 8.58 13.59
C ILE A 351 32.46 7.94 13.92
N ASP A 352 32.46 7.07 14.93
CA ASP A 352 33.69 6.41 15.41
C ASP A 352 34.03 5.15 14.62
N LYS A 353 33.04 4.26 14.47
CA LYS A 353 33.25 2.98 13.82
C LYS A 353 32.06 2.62 12.94
N ILE A 354 32.32 1.83 11.90
CA ILE A 354 31.26 1.16 11.15
C ILE A 354 31.44 -0.34 11.24
N TYR A 355 30.33 -1.08 11.12
CA TYR A 355 30.36 -2.53 11.12
C TYR A 355 29.16 -3.09 10.37
N VAL A 356 29.15 -4.40 10.20
CA VAL A 356 28.05 -5.08 9.52
C VAL A 356 27.26 -5.93 10.51
N ARG A 357 25.95 -5.68 10.58
CA ARG A 357 25.07 -6.49 11.40
C ARG A 357 24.40 -7.50 10.51
N THR A 358 24.27 -8.73 11.01
CA THR A 358 23.74 -9.84 10.24
C THR A 358 22.76 -10.65 11.08
N GLY A 359 21.78 -11.24 10.41
CA GLY A 359 20.82 -12.12 11.06
C GLY A 359 20.21 -13.11 10.09
N ILE A 360 19.88 -14.29 10.62
CA ILE A 360 19.19 -15.32 9.87
C ILE A 360 17.74 -15.32 10.32
N TYR A 361 16.83 -14.92 9.42
CA TYR A 361 15.44 -14.69 9.78
C TYR A 361 14.44 -15.65 9.13
N HIS A 362 13.42 -16.01 9.89
CA HIS A 362 12.22 -16.64 9.37
C HIS A 362 11.09 -15.70 9.65
N GLY A 363 10.71 -14.92 8.64
CA GLY A 363 9.76 -13.84 8.82
C GLY A 363 10.40 -12.70 9.59
N GLY A 364 9.76 -12.30 10.68
CA GLY A 364 10.26 -11.24 11.53
C GLY A 364 11.02 -11.73 12.76
N GLU A 365 11.14 -13.05 12.92
CA GLU A 365 11.85 -13.60 14.07
C GLU A 365 13.17 -14.31 13.72
N PRO A 366 14.25 -13.97 14.45
CA PRO A 366 15.57 -14.56 14.23
C PRO A 366 15.60 -16.06 14.49
N LEU A 367 16.33 -16.80 13.67
CA LEU A 367 16.42 -18.26 13.84
C LEU A 367 17.57 -18.63 14.76
N CYS A 368 18.43 -17.65 15.02
CA CYS A 368 19.56 -17.79 15.93
C CYS A 368 20.01 -16.38 16.34
N ASP A 369 21.10 -16.28 17.07
CA ASP A 369 21.63 -14.98 17.48
C ASP A 369 22.21 -14.22 16.30
N ASN A 370 21.91 -12.92 16.25
CA ASN A 370 22.55 -11.99 15.32
C ASN A 370 24.06 -12.04 15.48
N VAL A 371 24.78 -11.86 14.38
CA VAL A 371 26.24 -11.86 14.43
C VAL A 371 26.78 -10.60 13.75
N ASN A 372 27.60 -9.85 14.50
CA ASN A 372 28.28 -8.67 13.97
C ASN A 372 29.69 -8.99 13.51
N THR A 373 30.20 -8.18 12.59
CA THR A 373 31.62 -8.21 12.25
C THR A 373 32.38 -7.39 13.28
N GLN A 374 33.70 -7.43 13.23
CA GLN A 374 34.51 -6.57 14.08
C GLN A 374 34.38 -5.13 13.60
N ARG A 375 34.47 -4.18 14.53
CA ARG A 375 34.35 -2.75 14.24
C ARG A 375 35.56 -2.26 13.42
N VAL A 376 35.31 -1.44 12.41
CA VAL A 376 36.38 -0.87 11.57
C VAL A 376 36.21 0.64 11.37
N PRO A 377 37.28 1.36 10.98
CA PRO A 377 37.19 2.78 10.64
C PRO A 377 36.22 3.07 9.49
N CYS A 378 35.65 4.27 9.48
CA CYS A 378 34.68 4.70 8.46
C CYS A 378 35.29 4.74 7.06
N SER A 379 36.52 5.26 6.98
CA SER A 379 37.24 5.42 5.72
C SER A 379 37.38 4.11 4.94
N ASN A 380 37.91 3.08 5.60
CA ASN A 380 38.08 1.76 4.98
C ASN A 380 37.09 0.72 5.52
N PRO A 381 36.06 0.37 4.72
CA PRO A 381 35.07 -0.64 5.09
C PRO A 381 35.43 -2.03 4.57
N ARG A 382 36.29 -2.72 5.31
CA ARG A 382 36.80 -4.03 4.90
C ARG A 382 36.87 -4.96 6.12
N TRP A 383 36.31 -6.16 6.00
CA TRP A 383 36.24 -7.10 7.13
C TRP A 383 36.91 -8.43 6.86
N ASN A 384 36.56 -9.07 5.75
CA ASN A 384 37.11 -10.37 5.33
C ASN A 384 37.04 -11.48 6.40
N GLU A 385 35.96 -11.49 7.19
CA GLU A 385 35.82 -12.53 8.22
C GLU A 385 34.62 -13.45 8.02
N TRP A 386 34.83 -14.74 8.30
CA TRP A 386 33.75 -15.71 8.35
C TRP A 386 32.98 -15.50 9.62
N LEU A 387 31.69 -15.20 9.47
CA LEU A 387 30.81 -15.13 10.62
C LEU A 387 30.18 -16.52 10.81
N ASN A 388 30.07 -16.96 12.07
CA ASN A 388 29.49 -18.27 12.37
C ASN A 388 28.13 -18.17 13.07
N TYR A 389 27.17 -18.94 12.59
CA TYR A 389 25.81 -18.93 13.14
C TYR A 389 25.50 -20.20 13.89
N ASP A 390 24.80 -20.08 15.02
CA ASP A 390 24.31 -21.23 15.79
C ASP A 390 23.14 -21.90 15.07
N ILE A 391 23.38 -22.35 13.84
CA ILE A 391 22.41 -23.12 13.12
C ILE A 391 23.09 -24.15 12.22
N TYR A 392 22.66 -25.41 12.39
CA TYR A 392 23.08 -26.51 11.54
C TYR A 392 22.32 -26.37 10.21
N ILE A 393 23.06 -26.44 9.10
CA ILE A 393 22.48 -26.17 7.77
C ILE A 393 21.21 -26.97 7.43
N PRO A 394 21.18 -28.29 7.75
CA PRO A 394 19.93 -29.04 7.58
C PRO A 394 18.69 -28.41 8.24
N ASP A 395 18.88 -27.64 9.32
CA ASP A 395 17.77 -27.03 10.03
C ASP A 395 17.22 -25.73 9.42
N LEU A 396 17.78 -25.30 8.30
CA LEU A 396 17.34 -24.05 7.68
C LEU A 396 15.97 -24.20 7.01
N PRO A 397 14.95 -23.49 7.54
CA PRO A 397 13.61 -23.60 6.96
C PRO A 397 13.58 -22.99 5.56
N ARG A 398 12.63 -23.45 4.75
CA ARG A 398 12.55 -23.08 3.34
C ARG A 398 12.55 -21.57 3.11
N ALA A 399 11.93 -20.81 4.02
CA ALA A 399 11.82 -19.37 3.86
C ALA A 399 12.93 -18.56 4.56
N ALA A 400 14.01 -19.23 4.93
CA ALA A 400 15.11 -18.57 5.67
C ALA A 400 15.73 -17.43 4.88
N ARG A 401 15.93 -16.30 5.56
CA ARG A 401 16.49 -15.10 4.94
C ARG A 401 17.71 -14.56 5.66
N LEU A 402 18.63 -13.98 4.89
CA LEU A 402 19.74 -13.23 5.45
C LEU A 402 19.37 -11.76 5.50
N CYS A 403 19.35 -11.21 6.71
CA CYS A 403 19.11 -9.78 6.88
C CYS A 403 20.39 -9.11 7.34
N LEU A 404 20.81 -8.09 6.61
CA LEU A 404 22.04 -7.39 6.94
C LEU A 404 21.91 -5.88 6.82
N SER A 405 22.85 -5.19 7.44
CA SER A 405 22.94 -3.73 7.36
C SER A 405 24.34 -3.28 7.78
N ILE A 406 24.79 -2.18 7.19
CA ILE A 406 25.98 -1.51 7.67
C ILE A 406 25.53 -0.51 8.74
N CYS A 407 26.06 -0.66 9.95
CA CYS A 407 25.69 0.20 11.07
C CYS A 407 26.85 1.04 11.53
N SER A 408 26.53 2.19 12.15
CA SER A 408 27.54 3.09 12.68
C SER A 408 27.45 3.18 14.21
N VAL A 409 28.58 3.51 14.84
CA VAL A 409 28.63 3.70 16.29
C VAL A 409 29.02 5.13 16.63
N LYS A 410 28.54 5.61 17.78
CA LYS A 410 28.90 6.92 18.30
C LYS A 410 28.90 6.92 19.83
N GLY A 414 30.01 6.09 31.61
CA GLY A 414 30.80 5.06 30.95
C GLY A 414 30.88 5.23 29.45
N ALA A 415 30.79 4.12 28.71
CA ALA A 415 30.89 4.13 27.26
C ALA A 415 29.51 4.05 26.59
N LYS A 416 28.76 5.14 26.70
CA LYS A 416 27.43 5.23 26.07
C LYS A 416 27.60 5.45 24.57
N GLU A 417 26.93 4.59 23.79
CA GLU A 417 27.10 4.58 22.34
C GLU A 417 25.79 4.32 21.58
N GLU A 418 25.60 5.06 20.49
CA GLU A 418 24.40 4.92 19.67
C GLU A 418 24.70 4.16 18.39
N HIS A 419 23.82 3.21 18.05
CA HIS A 419 23.91 2.42 16.83
C HIS A 419 22.87 2.85 15.86
N CYS A 420 23.29 3.13 14.63
CA CYS A 420 22.38 3.59 13.57
C CYS A 420 22.58 2.87 12.25
N PRO A 421 21.47 2.50 11.57
CA PRO A 421 21.60 1.87 10.26
C PRO A 421 21.89 2.89 9.16
N LEU A 422 22.90 2.59 8.34
CA LEU A 422 23.27 3.45 7.23
C LEU A 422 22.59 2.98 5.94
N ALA A 423 22.47 1.66 5.81
CA ALA A 423 21.87 1.02 4.65
C ALA A 423 21.59 -0.43 5.02
N TRP A 424 20.64 -1.05 4.32
CA TRP A 424 20.19 -2.40 4.66
C TRP A 424 19.95 -3.21 3.41
N GLY A 425 19.90 -4.53 3.56
CA GLY A 425 19.59 -5.44 2.45
C GLY A 425 19.25 -6.84 2.93
N ASN A 426 18.30 -7.48 2.25
CA ASN A 426 17.88 -8.84 2.57
C ASN A 426 18.10 -9.80 1.41
N ILE A 427 18.51 -11.03 1.74
CA ILE A 427 18.77 -12.06 0.74
C ILE A 427 18.04 -13.35 1.10
N ASN A 428 17.29 -13.91 0.16
CA ASN A 428 16.71 -15.24 0.33
C ASN A 428 17.83 -16.28 0.28
N LEU A 429 17.90 -17.13 1.31
CA LEU A 429 18.94 -18.16 1.37
C LEU A 429 18.71 -19.27 0.34
N PHE A 430 17.46 -19.42 -0.08
CA PHE A 430 17.10 -20.29 -1.19
C PHE A 430 16.54 -19.47 -2.34
N ASP A 431 16.91 -19.79 -3.57
CA ASP A 431 16.30 -19.10 -4.72
C ASP A 431 14.93 -19.71 -5.07
N TYR A 432 14.32 -19.20 -6.14
CA TYR A 432 12.98 -19.65 -6.53
C TYR A 432 12.90 -21.11 -6.97
N THR A 433 14.05 -21.71 -7.32
CA THR A 433 14.09 -23.12 -7.71
C THR A 433 14.56 -24.02 -6.56
N ASP A 434 14.45 -23.52 -5.33
CA ASP A 434 14.83 -24.24 -4.11
C ASP A 434 16.35 -24.45 -3.94
N THR A 435 17.15 -23.65 -4.64
CA THR A 435 18.60 -23.80 -4.60
C THR A 435 19.21 -22.95 -3.49
N LEU A 436 20.11 -23.55 -2.70
CA LEU A 436 20.85 -22.82 -1.68
C LEU A 436 21.90 -21.93 -2.34
N VAL A 437 22.00 -20.68 -1.88
CA VAL A 437 22.97 -19.72 -2.40
C VAL A 437 24.39 -20.14 -2.07
N SER A 438 25.33 -19.79 -2.96
CA SER A 438 26.73 -20.18 -2.81
C SER A 438 27.69 -19.19 -3.47
N GLY A 439 28.96 -19.26 -3.08
CA GLY A 439 30.02 -18.43 -3.65
C GLY A 439 29.85 -16.93 -3.42
N LYS A 440 30.71 -16.16 -4.07
CA LYS A 440 30.71 -14.70 -3.96
C LYS A 440 29.46 -14.07 -4.57
N MET A 441 28.92 -13.06 -3.90
CA MET A 441 27.87 -12.21 -4.47
C MET A 441 27.89 -10.79 -3.93
N ALA A 442 27.38 -9.85 -4.73
CA ALA A 442 27.38 -8.43 -4.37
C ALA A 442 25.96 -7.94 -4.07
N LEU A 443 25.81 -7.23 -2.97
CA LEU A 443 24.50 -6.74 -2.59
C LEU A 443 24.51 -5.22 -2.42
N ASN A 444 23.91 -4.54 -3.40
CA ASN A 444 23.70 -3.10 -3.32
C ASN A 444 22.55 -2.80 -2.39
N LEU A 445 22.81 -1.95 -1.40
CA LEU A 445 21.92 -1.79 -0.27
C LEU A 445 20.88 -0.67 -0.47
N TRP A 446 19.92 -0.61 0.43
CA TRP A 446 18.83 0.35 0.33
C TRP A 446 18.96 1.42 1.36
N PRO A 447 18.44 2.63 1.06
CA PRO A 447 18.30 3.67 2.07
C PRO A 447 17.37 3.20 3.18
N VAL A 448 17.65 3.60 4.41
CA VAL A 448 16.79 3.27 5.54
C VAL A 448 15.48 4.06 5.41
N PRO A 449 14.32 3.38 5.53
CA PRO A 449 13.04 4.08 5.49
C PRO A 449 12.96 5.16 6.55
N HIS A 450 12.23 6.24 6.26
CA HIS A 450 12.05 7.32 7.23
C HIS A 450 11.47 6.78 8.50
N GLY A 451 12.03 7.20 9.62
CA GLY A 451 11.49 6.82 10.92
C GLY A 451 11.97 5.50 11.50
N LEU A 452 12.47 4.60 10.66
CA LEU A 452 12.97 3.32 11.16
C LEU A 452 14.27 3.50 11.92
N GLU A 453 14.31 2.99 13.15
CA GLU A 453 15.50 3.05 13.97
C GLU A 453 16.12 1.67 14.17
N ASP A 454 15.38 0.63 13.80
CA ASP A 454 15.85 -0.76 13.93
C ASP A 454 17.11 -1.01 13.11
N LEU A 455 18.08 -1.69 13.71
CA LEU A 455 19.37 -1.93 13.06
C LEU A 455 19.27 -2.88 11.88
N LEU A 456 18.29 -3.77 11.91
CA LEU A 456 17.98 -4.60 10.74
C LEU A 456 16.56 -4.34 10.26
N ASN A 457 16.29 -4.68 9.01
CA ASN A 457 14.96 -4.49 8.44
C ASN A 457 14.43 -5.78 7.83
N PRO A 458 14.03 -6.75 8.68
CA PRO A 458 13.51 -8.04 8.25
C PRO A 458 12.26 -7.95 7.40
N ILE A 459 11.52 -6.85 7.50
CA ILE A 459 10.27 -6.68 6.76
C ILE A 459 10.51 -6.20 5.34
N GLY A 460 11.60 -5.46 5.13
CA GLY A 460 11.92 -4.93 3.81
C GLY A 460 12.07 -6.00 2.75
N VAL A 461 11.93 -5.60 1.49
CA VAL A 461 12.05 -6.53 0.35
C VAL A 461 13.43 -7.16 0.26
N THR A 462 13.51 -8.31 -0.41
CA THR A 462 14.79 -8.95 -0.67
C THR A 462 15.32 -8.58 -2.05
N GLY A 463 16.62 -8.78 -2.26
CA GLY A 463 17.24 -8.47 -3.54
C GLY A 463 18.04 -7.19 -3.55
N SER A 464 18.94 -7.08 -4.53
CA SER A 464 19.84 -5.93 -4.66
C SER A 464 19.11 -4.70 -5.19
N ASN A 465 19.54 -3.52 -4.73
CA ASN A 465 19.06 -2.25 -5.25
C ASN A 465 19.37 -2.15 -6.75
N PRO A 466 18.34 -1.93 -7.60
CA PRO A 466 18.56 -1.76 -9.05
C PRO A 466 19.53 -0.62 -9.35
N ASN A 467 19.55 0.38 -8.47
CA ASN A 467 20.49 1.49 -8.55
C ASN A 467 21.87 1.02 -8.09
N LYS A 468 22.82 0.96 -9.01
CA LYS A 468 24.17 0.48 -8.71
C LYS A 468 25.07 1.53 -8.06
N GLU A 469 24.74 2.81 -8.23
CA GLU A 469 25.49 3.89 -7.62
C GLU A 469 25.07 3.98 -6.15
N THR A 470 25.55 3.02 -5.37
CA THR A 470 24.92 2.67 -4.09
C THR A 470 25.89 1.83 -3.24
N PRO A 471 25.89 2.03 -1.90
CA PRO A 471 26.73 1.19 -1.04
C PRO A 471 26.60 -0.28 -1.41
N CYS A 472 27.72 -0.94 -1.64
CA CYS A 472 27.73 -2.30 -2.13
C CYS A 472 28.47 -3.23 -1.18
N LEU A 473 27.71 -4.10 -0.51
CA LEU A 473 28.32 -5.11 0.34
C LEU A 473 28.65 -6.36 -0.48
N GLU A 474 29.89 -6.81 -0.37
CA GLU A 474 30.32 -8.03 -1.04
C GLU A 474 30.45 -9.15 -0.03
N LEU A 475 29.74 -10.26 -0.29
CA LEU A 475 29.76 -11.38 0.63
C LEU A 475 30.07 -12.71 -0.05
N GLU A 476 30.39 -13.71 0.76
CA GLU A 476 30.72 -15.02 0.26
C GLU A 476 30.01 -16.09 1.07
N PHE A 477 29.26 -16.93 0.38
CA PHE A 477 28.64 -18.09 0.99
C PHE A 477 29.51 -19.30 0.73
N ASP A 478 29.42 -20.29 1.61
CA ASP A 478 30.09 -21.57 1.41
C ASP A 478 29.62 -22.23 0.14
N TRP A 479 30.48 -23.09 -0.39
CA TRP A 479 30.18 -23.85 -1.58
C TRP A 479 30.34 -25.29 -1.21
N PHE A 480 29.27 -26.06 -1.38
CA PHE A 480 29.26 -27.45 -0.96
C PHE A 480 29.30 -28.39 -2.15
N SER A 481 30.35 -28.22 -2.96
CA SER A 481 30.65 -29.12 -4.07
C SER A 481 29.45 -29.57 -4.92
N SER A 482 28.39 -28.75 -4.94
CA SER A 482 27.19 -29.08 -5.69
C SER A 482 26.21 -27.92 -5.83
N VAL A 483 25.24 -28.11 -6.73
CA VAL A 483 23.96 -27.43 -6.64
C VAL A 483 23.27 -28.10 -5.46
N VAL A 484 22.96 -27.31 -4.44
CA VAL A 484 22.34 -27.84 -3.22
C VAL A 484 20.88 -27.45 -3.18
N LYS A 485 20.00 -28.46 -3.09
CA LYS A 485 18.55 -28.20 -3.16
C LYS A 485 17.79 -28.57 -1.89
N PHE A 486 16.76 -27.77 -1.59
CA PHE A 486 15.84 -28.06 -0.49
C PHE A 486 15.07 -29.35 -0.81
N PRO A 487 14.90 -30.22 0.19
CA PRO A 487 14.26 -31.53 -0.03
C PRO A 487 12.86 -31.41 -0.61
N ASP A 488 12.43 -32.44 -1.34
CA ASP A 488 11.06 -32.52 -1.84
C ASP A 488 10.09 -32.93 -0.73
N MET A 489 8.80 -32.65 -0.95
CA MET A 489 7.75 -32.94 0.02
C MET A 489 7.74 -34.41 0.48
N SER A 490 7.90 -35.34 -0.45
CA SER A 490 7.94 -36.75 -0.11
C SER A 490 9.10 -37.10 0.83
N VAL A 491 10.26 -36.48 0.61
CA VAL A 491 11.43 -36.66 1.47
C VAL A 491 11.12 -36.13 2.87
N ILE A 492 10.45 -34.97 2.92
CA ILE A 492 10.06 -34.34 4.17
C ILE A 492 9.10 -35.23 4.99
N GLU A 493 8.11 -35.80 4.31
CA GLU A 493 7.13 -36.69 4.96
C GLU A 493 7.79 -37.89 5.64
N GLU A 494 8.79 -38.48 4.98
CA GLU A 494 9.52 -39.64 5.52
C GLU A 494 10.26 -39.28 6.82
N HIS A 495 10.85 -38.08 6.84
CA HIS A 495 11.54 -37.59 8.04
C HIS A 495 10.58 -37.28 9.15
N ALA A 496 9.41 -36.77 8.80
CA ALA A 496 8.36 -36.45 9.76
C ALA A 496 7.85 -37.71 10.46
N ASN A 497 7.78 -38.81 9.72
CA ASN A 497 7.46 -40.12 10.27
C ASN A 497 8.59 -40.65 11.17
N TRP A 498 9.82 -40.48 10.71
CA TRP A 498 11.02 -40.90 11.44
C TRP A 498 11.12 -40.22 12.78
N SER A 499 10.82 -38.92 12.82
CA SER A 499 10.87 -38.12 14.04
C SER A 499 9.93 -38.66 15.13
N VAL A 500 8.81 -39.23 14.72
CA VAL A 500 7.83 -39.83 15.62
C VAL A 500 8.31 -41.19 16.16
N SER A 501 8.85 -42.03 15.27
CA SER A 501 9.31 -43.37 15.63
C SER A 501 10.44 -43.42 16.67
N ARG A 502 11.14 -42.30 16.84
CA ARG A 502 12.23 -42.18 17.81
C ARG A 502 11.68 -42.07 19.23
N ASP A 520 -3.49 -42.45 20.68
CA ASP A 520 -3.77 -43.29 21.84
C ASP A 520 -4.60 -42.55 22.88
N ASN A 521 -4.10 -41.39 23.32
CA ASN A 521 -4.78 -40.57 24.33
C ASN A 521 -5.96 -39.80 23.77
N GLU A 522 -6.88 -39.41 24.65
CA GLU A 522 -8.00 -38.54 24.28
C GLU A 522 -7.71 -37.09 24.66
N LEU A 523 -8.57 -36.18 24.22
CA LEU A 523 -8.45 -34.76 24.56
C LEU A 523 -9.37 -34.43 25.72
N ARG A 524 -8.78 -34.25 26.91
CA ARG A 524 -9.52 -33.89 28.12
C ARG A 524 -10.24 -32.56 27.98
N GLU A 525 -11.31 -32.38 28.76
CA GLU A 525 -12.11 -31.15 28.74
C GLU A 525 -11.30 -29.94 29.20
N ASN A 526 -10.40 -30.17 30.15
CA ASN A 526 -9.45 -29.16 30.64
C ASN A 526 -8.61 -28.60 29.49
N ASP A 527 -8.01 -29.51 28.73
CA ASP A 527 -7.20 -29.17 27.56
C ASP A 527 -8.04 -28.53 26.45
N LYS A 528 -9.25 -29.06 26.26
CA LYS A 528 -10.19 -28.57 25.27
C LYS A 528 -10.62 -27.11 25.54
N GLU A 529 -10.61 -26.73 26.82
CA GLU A 529 -10.96 -25.37 27.23
C GLU A 529 -9.80 -24.39 27.10
N GLN A 530 -8.58 -24.84 27.36
CA GLN A 530 -7.40 -23.99 27.17
C GLN A 530 -7.13 -23.74 25.68
N LEU A 531 -7.40 -24.75 24.85
CA LEU A 531 -7.28 -24.61 23.41
C LEU A 531 -8.22 -23.55 22.85
N LYS A 532 -9.43 -23.48 23.41
CA LYS A 532 -10.41 -22.46 23.02
C LYS A 532 -9.94 -21.07 23.45
N ALA A 533 -9.38 -20.99 24.65
CA ALA A 533 -8.86 -19.74 25.21
C ALA A 533 -7.68 -19.18 24.41
N ILE A 534 -6.75 -20.06 24.05
CA ILE A 534 -5.60 -19.69 23.22
C ILE A 534 -6.06 -19.17 21.85
N SER A 535 -7.03 -19.87 21.25
CA SER A 535 -7.53 -19.52 19.92
C SER A 535 -8.29 -18.19 19.87
N THR A 536 -8.72 -17.70 21.03
CA THR A 536 -9.45 -16.44 21.14
C THR A 536 -8.53 -15.21 21.29
N ARG A 537 -7.25 -15.45 21.57
CA ARG A 537 -6.24 -14.39 21.56
C ARG A 537 -6.17 -13.73 20.18
N ASP A 538 -5.88 -12.43 20.15
CA ASP A 538 -5.73 -11.69 18.91
C ASP A 538 -4.35 -11.95 18.29
N PRO A 539 -4.19 -11.70 16.97
CA PRO A 539 -2.96 -12.01 16.24
C PRO A 539 -1.67 -11.36 16.73
N LEU A 540 -1.75 -10.44 17.69
CA LEU A 540 -0.53 -9.82 18.22
C LEU A 540 -0.29 -10.13 19.69
N SER A 541 -1.20 -10.88 20.30
CA SER A 541 -1.02 -11.33 21.68
C SER A 541 -0.08 -12.53 21.72
N GLU A 542 1.19 -12.29 22.06
CA GLU A 542 2.21 -13.35 22.08
C GLU A 542 1.78 -14.50 22.98
N ILE A 543 1.91 -15.72 22.48
CA ILE A 543 1.64 -16.89 23.28
C ILE A 543 2.86 -17.20 24.17
N THR A 544 2.59 -17.71 25.36
CA THR A 544 3.67 -18.05 26.30
C THR A 544 4.35 -19.37 25.94
N GLU A 545 5.48 -19.64 26.58
CA GLU A 545 6.24 -20.86 26.38
C GLU A 545 5.49 -22.09 26.90
N GLN A 546 4.70 -21.92 27.95
CA GLN A 546 3.81 -22.99 28.42
C GLN A 546 2.76 -23.29 27.35
N GLU A 547 2.23 -22.22 26.74
CA GLU A 547 1.25 -22.35 25.68
C GLU A 547 1.83 -22.97 24.41
N LYS A 548 3.07 -22.61 24.07
CA LYS A 548 3.76 -23.19 22.91
C LYS A 548 3.92 -24.70 23.08
N ASP A 549 4.40 -25.12 24.25
CA ASP A 549 4.61 -26.53 24.54
C ASP A 549 3.29 -27.28 24.65
N PHE A 550 2.23 -26.58 25.07
CA PHE A 550 0.91 -27.15 25.14
C PHE A 550 0.35 -27.40 23.74
N LEU A 551 0.37 -26.37 22.90
CA LEU A 551 -0.14 -26.43 21.53
C LEU A 551 0.57 -27.49 20.72
N TRP A 552 1.89 -27.58 20.88
CA TRP A 552 2.68 -28.55 20.13
C TRP A 552 2.37 -29.95 20.54
N SER A 553 2.31 -30.20 21.85
CA SER A 553 1.90 -31.51 22.38
C SER A 553 0.54 -31.95 21.83
N HIS A 554 -0.33 -30.98 21.58
CA HIS A 554 -1.70 -31.25 21.16
C HIS A 554 -1.96 -30.92 19.72
N ARG A 555 -0.89 -30.88 18.92
CA ARG A 555 -0.97 -30.54 17.49
C ARG A 555 -1.91 -31.48 16.70
N HIS A 556 -2.09 -32.69 17.20
CA HIS A 556 -2.95 -33.67 16.55
C HIS A 556 -4.40 -33.49 16.91
N TYR A 557 -4.65 -32.74 17.98
CA TYR A 557 -6.02 -32.41 18.39
C TYR A 557 -6.41 -31.01 17.92
N CYS A 558 -5.41 -30.22 17.52
CA CYS A 558 -5.64 -28.84 17.08
C CYS A 558 -6.48 -28.76 15.80
N VAL A 559 -6.51 -29.84 15.04
CA VAL A 559 -7.31 -29.92 13.80
C VAL A 559 -8.81 -29.79 14.07
N THR A 560 -9.24 -30.21 15.26
CA THR A 560 -10.64 -30.13 15.69
C THR A 560 -11.10 -28.68 15.82
N ILE A 561 -10.16 -27.79 16.08
CA ILE A 561 -10.43 -26.36 16.12
C ILE A 561 -9.54 -25.63 15.10
N PRO A 562 -9.94 -25.67 13.81
CA PRO A 562 -9.09 -25.29 12.67
C PRO A 562 -8.54 -23.86 12.72
N GLU A 563 -9.25 -22.94 13.37
CA GLU A 563 -8.86 -21.53 13.43
C GLU A 563 -7.65 -21.25 14.34
N ILE A 564 -7.13 -22.29 15.00
CA ILE A 564 -5.97 -22.17 15.90
C ILE A 564 -4.62 -22.33 15.19
N LEU A 565 -4.67 -22.57 13.88
CA LEU A 565 -3.47 -22.78 13.08
C LEU A 565 -2.42 -21.65 13.21
N PRO A 566 -2.87 -20.37 13.24
CA PRO A 566 -1.87 -19.31 13.46
C PRO A 566 -1.07 -19.47 14.76
N LYS A 567 -1.73 -19.93 15.82
CA LYS A 567 -1.07 -20.13 17.12
C LYS A 567 -0.15 -21.35 17.14
N LEU A 568 -0.59 -22.42 16.50
CA LEU A 568 0.21 -23.63 16.38
C LEU A 568 1.46 -23.36 15.55
N LEU A 569 1.35 -22.52 14.52
CA LEU A 569 2.50 -22.16 13.70
C LEU A 569 3.54 -21.34 14.47
N LEU A 570 3.09 -20.49 15.38
CA LEU A 570 3.98 -19.74 16.28
C LEU A 570 4.62 -20.64 17.35
N SER A 571 4.07 -21.84 17.52
CA SER A 571 4.59 -22.80 18.50
C SER A 571 5.62 -23.74 17.90
N VAL A 572 5.70 -23.74 16.57
CA VAL A 572 6.68 -24.52 15.83
C VAL A 572 8.07 -23.95 16.06
N LYS A 573 9.04 -24.82 16.30
CA LYS A 573 10.44 -24.44 16.26
C LYS A 573 10.91 -24.45 14.80
N TRP A 574 10.92 -23.27 14.20
CA TRP A 574 11.28 -23.12 12.79
C TRP A 574 12.73 -23.36 12.48
N ASN A 575 13.59 -23.33 13.50
CA ASN A 575 15.01 -23.69 13.34
C ASN A 575 15.27 -25.16 13.66
N SER A 576 14.29 -26.00 13.35
CA SER A 576 14.38 -27.45 13.57
C SER A 576 13.60 -28.17 12.48
N ARG A 577 14.33 -28.83 11.58
CA ARG A 577 13.71 -29.56 10.47
C ARG A 577 12.79 -30.69 10.93
N ASP A 578 13.00 -31.20 12.14
CA ASP A 578 12.16 -32.24 12.73
C ASP A 578 10.74 -31.73 12.97
N GLU A 579 10.63 -30.51 13.50
CA GLU A 579 9.34 -29.93 13.83
C GLU A 579 8.63 -29.36 12.62
N VAL A 580 9.38 -28.67 11.76
CA VAL A 580 8.85 -28.12 10.51
C VAL A 580 8.31 -29.25 9.61
N ALA A 581 9.02 -30.38 9.58
CA ALA A 581 8.57 -31.56 8.84
C ALA A 581 7.23 -32.07 9.34
N GLN A 582 7.07 -32.12 10.67
CA GLN A 582 5.82 -32.55 11.27
C GLN A 582 4.70 -31.55 11.03
N MET A 583 5.05 -30.25 11.00
CA MET A 583 4.06 -29.22 10.69
C MET A 583 3.53 -29.35 9.27
N TYR A 584 4.42 -29.64 8.32
CA TYR A 584 4.03 -29.75 6.91
C TYR A 584 2.94 -30.79 6.65
N CYS A 585 3.08 -31.97 7.28
CA CYS A 585 2.09 -33.04 7.16
C CYS A 585 0.73 -32.62 7.71
N LEU A 586 0.74 -31.86 8.81
CA LEU A 586 -0.47 -31.32 9.41
C LEU A 586 -1.09 -30.22 8.56
N VAL A 587 -0.26 -29.37 7.97
CA VAL A 587 -0.74 -28.29 7.10
C VAL A 587 -1.43 -28.83 5.84
N LYS A 588 -0.84 -29.87 5.24
CA LYS A 588 -1.37 -30.43 3.99
C LYS A 588 -2.86 -30.84 4.10
N ASP A 589 -3.20 -31.55 5.17
CA ASP A 589 -4.56 -32.05 5.39
C ASP A 589 -5.40 -31.16 6.33
N TRP A 590 -5.02 -29.89 6.45
CA TRP A 590 -5.68 -28.98 7.40
C TRP A 590 -6.99 -28.45 6.87
N PRO A 591 -8.04 -28.49 7.71
CA PRO A 591 -9.36 -27.94 7.34
C PRO A 591 -9.30 -26.48 6.92
N PRO A 592 -9.92 -26.14 5.77
CA PRO A 592 -9.96 -24.75 5.31
C PRO A 592 -10.61 -23.82 6.33
N ILE A 593 -10.19 -22.55 6.34
CA ILE A 593 -10.71 -21.59 7.30
C ILE A 593 -11.28 -20.33 6.63
N LYS A 594 -12.04 -19.57 7.42
CA LYS A 594 -12.69 -18.34 6.99
C LYS A 594 -11.65 -17.38 6.39
N PRO A 595 -11.95 -16.78 5.23
CA PRO A 595 -10.98 -15.92 4.53
C PRO A 595 -10.37 -14.81 5.39
N GLU A 596 -11.18 -14.24 6.29
CA GLU A 596 -10.72 -13.16 7.18
C GLU A 596 -9.63 -13.66 8.12
N GLN A 597 -9.72 -14.93 8.49
CA GLN A 597 -8.74 -15.57 9.37
C GLN A 597 -7.53 -16.10 8.59
N ALA A 598 -7.76 -16.49 7.33
CA ALA A 598 -6.70 -16.95 6.45
C ALA A 598 -5.74 -15.81 6.10
N MET A 599 -6.29 -14.60 5.97
CA MET A 599 -5.49 -13.43 5.65
C MET A 599 -4.45 -13.14 6.72
N GLU A 600 -4.77 -13.52 7.97
CA GLU A 600 -3.80 -13.46 9.06
C GLU A 600 -2.50 -14.15 8.65
N LEU A 601 -2.62 -15.24 7.89
CA LEU A 601 -1.49 -16.06 7.52
C LEU A 601 -0.74 -15.54 6.29
N LEU A 602 -1.09 -14.34 5.84
CA LEU A 602 -0.43 -13.74 4.68
C LEU A 602 0.51 -12.57 5.03
N ASP A 603 0.48 -12.09 6.27
CA ASP A 603 1.42 -11.05 6.69
C ASP A 603 2.87 -11.57 6.83
N CYS A 604 3.77 -10.69 7.24
CA CYS A 604 5.22 -10.99 7.26
C CYS A 604 5.66 -11.92 8.39
N ASN A 605 4.72 -12.43 9.18
CA ASN A 605 5.05 -13.39 10.23
C ASN A 605 4.93 -14.85 9.80
N TYR A 606 4.40 -15.05 8.59
CA TYR A 606 4.20 -16.39 8.06
C TYR A 606 4.76 -16.51 6.64
N PRO A 607 6.09 -16.68 6.52
CA PRO A 607 6.70 -16.70 5.18
C PRO A 607 6.73 -18.07 4.52
N ASP A 608 6.52 -19.14 5.30
CA ASP A 608 6.62 -20.50 4.77
C ASP A 608 5.62 -20.76 3.64
N PRO A 609 6.10 -21.24 2.47
CA PRO A 609 5.28 -21.43 1.28
C PRO A 609 4.10 -22.40 1.43
N MET A 610 4.21 -23.41 2.30
CA MET A 610 3.11 -24.35 2.52
C MET A 610 1.97 -23.68 3.28
N VAL A 611 2.34 -22.90 4.28
CA VAL A 611 1.39 -22.10 5.07
C VAL A 611 0.68 -21.09 4.17
N ARG A 612 1.45 -20.36 3.38
CA ARG A 612 0.90 -19.38 2.43
C ARG A 612 0.06 -20.06 1.37
N GLY A 613 0.51 -21.24 0.92
CA GLY A 613 -0.25 -22.05 -0.02
C GLY A 613 -1.64 -22.31 0.53
N PHE A 614 -1.69 -22.78 1.77
CA PHE A 614 -2.94 -23.03 2.48
C PHE A 614 -3.84 -21.80 2.47
N ALA A 615 -3.28 -20.66 2.89
CA ALA A 615 -4.04 -19.42 2.99
C ALA A 615 -4.67 -19.03 1.65
N VAL A 616 -3.90 -19.11 0.58
CA VAL A 616 -4.37 -18.79 -0.77
C VAL A 616 -5.50 -19.73 -1.19
N ARG A 617 -5.34 -21.02 -0.89
CA ARG A 617 -6.36 -22.03 -1.20
C ARG A 617 -7.68 -21.79 -0.47
N CYS A 618 -7.61 -21.16 0.71
CA CYS A 618 -8.81 -20.74 1.41
C CYS A 618 -9.52 -19.61 0.66
N LEU A 619 -8.74 -18.65 0.17
CA LEU A 619 -9.27 -17.54 -0.62
C LEU A 619 -9.87 -18.02 -1.94
N GLU A 620 -9.23 -18.99 -2.58
CA GLU A 620 -9.74 -19.59 -3.82
C GLU A 620 -11.12 -20.21 -3.63
N LYS A 621 -11.33 -20.82 -2.47
CA LYS A 621 -12.59 -21.52 -2.17
C LYS A 621 -13.68 -20.61 -1.60
N TYR A 622 -13.31 -19.67 -0.73
CA TYR A 622 -14.30 -18.95 0.06
C TYR A 622 -14.38 -17.43 -0.10
N LEU A 623 -13.39 -16.82 -0.74
CA LEU A 623 -13.40 -15.36 -0.92
C LEU A 623 -14.26 -14.95 -2.11
N THR A 624 -15.37 -14.27 -1.81
CA THR A 624 -16.29 -13.77 -2.86
C THR A 624 -15.79 -12.45 -3.39
N ASP A 625 -16.06 -12.19 -4.68
CA ASP A 625 -15.63 -10.97 -5.38
C ASP A 625 -15.97 -9.67 -4.64
N ASP A 626 -17.02 -9.70 -3.83
CA ASP A 626 -17.41 -8.58 -2.98
C ASP A 626 -16.34 -8.29 -1.93
N LYS A 627 -16.02 -9.29 -1.11
CA LYS A 627 -15.04 -9.12 -0.06
C LYS A 627 -13.62 -9.00 -0.60
N LEU A 628 -13.36 -9.66 -1.74
CA LEU A 628 -12.10 -9.49 -2.45
C LEU A 628 -11.89 -8.04 -2.85
N SER A 629 -12.92 -7.42 -3.39
CA SER A 629 -12.90 -5.99 -3.69
C SER A 629 -12.62 -5.14 -2.45
N GLN A 630 -13.22 -5.53 -1.33
CA GLN A 630 -13.08 -4.80 -0.07
C GLN A 630 -11.66 -4.91 0.51
N TYR A 631 -10.97 -6.02 0.25
CA TYR A 631 -9.64 -6.25 0.83
C TYR A 631 -8.50 -6.16 -0.17
N LEU A 632 -8.81 -5.75 -1.40
CA LEU A 632 -7.84 -5.74 -2.49
C LEU A 632 -6.58 -4.95 -2.15
N ILE A 633 -6.73 -3.81 -1.49
CA ILE A 633 -5.60 -2.99 -1.07
C ILE A 633 -4.57 -3.81 -0.28
N GLN A 634 -5.05 -4.61 0.68
CA GLN A 634 -4.16 -5.42 1.53
C GLN A 634 -3.55 -6.60 0.78
N LEU A 635 -4.36 -7.25 -0.07
CA LEU A 635 -3.90 -8.38 -0.86
C LEU A 635 -2.82 -7.98 -1.87
N VAL A 636 -2.89 -6.74 -2.36
CA VAL A 636 -1.85 -6.21 -3.24
C VAL A 636 -0.56 -5.89 -2.46
N GLN A 637 -0.69 -5.17 -1.33
CA GLN A 637 0.45 -4.79 -0.50
C GLN A 637 1.18 -6.02 0.05
N VAL A 638 0.44 -7.10 0.25
CA VAL A 638 0.98 -8.30 0.85
C VAL A 638 1.88 -9.06 -0.14
N LEU A 639 1.78 -8.70 -1.42
CA LEU A 639 2.66 -9.21 -2.47
C LEU A 639 4.11 -8.78 -2.23
N LYS A 640 4.29 -7.67 -1.52
CA LYS A 640 5.62 -7.17 -1.17
C LYS A 640 6.38 -8.09 -0.21
N TYR A 641 5.66 -8.89 0.57
CA TYR A 641 6.30 -9.83 1.50
C TYR A 641 6.74 -11.11 0.81
N GLU A 642 6.12 -11.41 -0.32
CA GLU A 642 6.37 -12.68 -1.01
C GLU A 642 7.82 -12.78 -1.43
N GLN A 643 8.45 -13.91 -1.11
CA GLN A 643 9.86 -14.13 -1.41
C GLN A 643 10.20 -14.05 -2.89
N TYR A 644 9.29 -14.53 -3.73
CA TYR A 644 9.54 -14.75 -5.15
C TYR A 644 8.49 -14.09 -6.03
N LEU A 645 8.81 -13.97 -7.32
CA LEU A 645 7.91 -13.35 -8.28
C LEU A 645 6.71 -14.24 -8.59
N ASP A 646 6.98 -15.54 -8.70
CA ASP A 646 5.93 -16.51 -8.97
C ASP A 646 5.50 -17.17 -7.67
N ASN A 647 4.23 -16.99 -7.32
CA ASN A 647 3.65 -17.57 -6.11
C ASN A 647 2.15 -17.75 -6.30
N LEU A 648 1.53 -18.53 -5.42
CA LEU A 648 0.12 -18.88 -5.59
C LEU A 648 -0.81 -17.67 -5.44
N LEU A 649 -0.46 -16.75 -4.55
CA LEU A 649 -1.27 -15.55 -4.33
C LEU A 649 -1.33 -14.66 -5.57
N VAL A 650 -0.18 -14.43 -6.20
CA VAL A 650 -0.16 -13.61 -7.41
C VAL A 650 -0.93 -14.24 -8.56
N ARG A 651 -0.95 -15.57 -8.60
CA ARG A 651 -1.73 -16.29 -9.62
C ARG A 651 -3.23 -16.18 -9.36
N PHE A 652 -3.59 -16.19 -8.08
CA PHE A 652 -4.97 -16.00 -7.64
C PHE A 652 -5.50 -14.60 -7.98
N LEU A 653 -4.73 -13.57 -7.61
CA LEU A 653 -5.16 -12.18 -7.80
C LEU A 653 -5.26 -11.80 -9.28
N LEU A 654 -4.29 -12.24 -10.07
CA LEU A 654 -4.28 -11.97 -11.51
C LEU A 654 -5.44 -12.64 -12.22
N LYS A 655 -5.71 -13.90 -11.87
CA LYS A 655 -6.87 -14.62 -12.39
C LYS A 655 -8.16 -13.89 -12.09
N LYS A 656 -8.30 -13.43 -10.84
CA LYS A 656 -9.47 -12.66 -10.41
C LYS A 656 -9.57 -11.34 -11.16
N ALA A 657 -8.43 -10.69 -11.37
CA ALA A 657 -8.39 -9.41 -12.10
C ALA A 657 -8.69 -9.59 -13.58
N LEU A 658 -8.41 -10.77 -14.13
CA LEU A 658 -8.62 -11.04 -15.54
C LEU A 658 -9.98 -11.67 -15.83
N THR A 659 -10.76 -11.95 -14.79
CA THR A 659 -12.10 -12.52 -14.94
C THR A 659 -13.19 -11.60 -14.36
N ASN A 660 -12.76 -10.50 -13.74
CA ASN A 660 -13.67 -9.51 -13.18
C ASN A 660 -13.07 -8.11 -13.31
N GLN A 661 -13.62 -7.32 -14.23
CA GLN A 661 -13.06 -6.02 -14.62
C GLN A 661 -13.10 -4.97 -13.53
N ARG A 662 -14.03 -5.12 -12.57
CA ARG A 662 -14.07 -4.21 -11.43
C ARG A 662 -12.84 -4.42 -10.56
N ILE A 663 -12.46 -5.67 -10.37
CA ILE A 663 -11.25 -6.02 -9.63
C ILE A 663 -10.03 -5.58 -10.45
N GLY A 664 -10.03 -5.91 -11.75
CA GLY A 664 -8.97 -5.52 -12.67
C GLY A 664 -8.63 -4.04 -12.61
N HIS A 665 -9.65 -3.20 -12.63
CA HIS A 665 -9.51 -1.75 -12.52
C HIS A 665 -8.67 -1.33 -11.34
N PHE A 666 -9.04 -1.79 -10.14
CA PHE A 666 -8.34 -1.39 -8.92
C PHE A 666 -7.00 -2.10 -8.73
N PHE A 667 -6.92 -3.33 -9.23
CA PHE A 667 -5.68 -4.08 -9.28
C PHE A 667 -4.64 -3.26 -10.05
N PHE A 668 -5.00 -2.82 -11.25
CA PHE A 668 -4.15 -1.95 -12.06
C PHE A 668 -3.70 -0.72 -11.28
N TRP A 669 -4.65 -0.01 -10.67
CA TRP A 669 -4.36 1.28 -10.04
C TRP A 669 -3.54 1.19 -8.79
N HIS A 670 -3.81 0.19 -7.95
CA HIS A 670 -2.98 -0.03 -6.77
C HIS A 670 -1.56 -0.34 -7.14
N LEU A 671 -1.37 -1.24 -8.11
CA LEU A 671 -0.03 -1.56 -8.60
C LEU A 671 0.65 -0.34 -9.21
N LYS A 672 -0.06 0.35 -10.11
CA LYS A 672 0.48 1.50 -10.83
C LYS A 672 0.91 2.65 -9.91
N SER A 673 0.14 2.90 -8.86
CA SER A 673 0.43 4.01 -7.94
C SER A 673 1.79 3.87 -7.26
N GLU A 674 2.33 2.66 -7.24
CA GLU A 674 3.59 2.40 -6.55
C GLU A 674 4.75 2.09 -7.49
N MET A 675 4.57 2.38 -8.78
CA MET A 675 5.60 2.13 -9.80
C MET A 675 6.83 3.03 -9.66
N HIS A 676 6.67 4.14 -8.96
CA HIS A 676 7.76 5.05 -8.71
C HIS A 676 8.72 4.49 -7.68
N ASN A 677 8.22 3.54 -6.90
CA ASN A 677 8.94 2.96 -5.78
C ASN A 677 9.86 1.82 -6.24
N LYS A 678 11.17 2.01 -6.08
CA LYS A 678 12.16 1.10 -6.65
C LYS A 678 12.25 -0.27 -5.94
N THR A 679 11.73 -0.33 -4.72
CA THR A 679 11.63 -1.59 -3.99
C THR A 679 10.68 -2.59 -4.70
N VAL A 680 9.71 -2.04 -5.43
CA VAL A 680 8.65 -2.87 -6.02
C VAL A 680 8.48 -2.68 -7.53
N SER A 681 9.25 -1.75 -8.12
CA SER A 681 9.21 -1.46 -9.56
C SER A 681 9.11 -2.71 -10.42
N GLN A 682 10.14 -3.55 -10.34
CA GLN A 682 10.25 -4.72 -11.20
C GLN A 682 9.07 -5.68 -11.01
N ARG A 683 8.73 -5.97 -9.76
CA ARG A 683 7.67 -6.93 -9.43
C ARG A 683 6.33 -6.50 -10.00
N PHE A 684 5.93 -5.28 -9.64
CA PHE A 684 4.63 -4.73 -10.03
C PHE A 684 4.57 -4.44 -11.52
N GLY A 685 5.68 -3.92 -12.07
CA GLY A 685 5.80 -3.72 -13.50
C GLY A 685 5.57 -5.00 -14.28
N LEU A 686 6.23 -6.07 -13.84
CA LEU A 686 6.05 -7.38 -14.47
C LEU A 686 4.62 -7.86 -14.34
N LEU A 687 4.04 -7.62 -13.17
CA LEU A 687 2.66 -7.99 -12.89
C LEU A 687 1.71 -7.19 -13.78
N LEU A 688 1.96 -5.88 -13.87
CA LEU A 688 1.15 -4.99 -14.70
C LEU A 688 1.25 -5.34 -16.17
N GLU A 689 2.45 -5.67 -16.63
CA GLU A 689 2.67 -6.13 -18.00
C GLU A 689 1.77 -7.32 -18.34
N SER A 690 1.70 -8.32 -17.45
CA SER A 690 0.89 -9.52 -17.66
C SER A 690 -0.59 -9.15 -17.76
N TYR A 691 -1.05 -8.33 -16.81
CA TYR A 691 -2.44 -7.90 -16.78
C TYR A 691 -2.83 -7.17 -18.06
N CYS A 692 -1.99 -6.23 -18.50
CA CYS A 692 -2.29 -5.37 -19.63
C CYS A 692 -2.28 -6.11 -20.96
N ARG A 693 -1.53 -7.20 -21.02
CA ARG A 693 -1.44 -8.04 -22.21
C ARG A 693 -2.65 -8.97 -22.32
N ALA A 694 -3.29 -9.26 -21.19
CA ALA A 694 -4.39 -10.22 -21.17
C ALA A 694 -5.77 -9.63 -20.86
N CYS A 695 -5.83 -8.35 -20.48
CA CYS A 695 -7.10 -7.72 -20.11
C CYS A 695 -7.96 -7.35 -21.31
N GLY A 696 -7.33 -7.27 -22.47
CA GLY A 696 -8.03 -6.99 -23.72
C GLY A 696 -8.31 -5.51 -23.94
N MET A 697 -9.57 -5.21 -24.24
CA MET A 697 -9.98 -3.86 -24.65
C MET A 697 -9.91 -2.83 -23.52
N TYR A 698 -10.01 -3.28 -22.28
CA TYR A 698 -9.96 -2.37 -21.14
C TYR A 698 -8.66 -1.57 -21.06
N LEU A 699 -7.63 -2.04 -21.76
CA LEU A 699 -6.34 -1.37 -21.83
C LEU A 699 -6.45 0.00 -22.51
N LYS A 700 -7.35 0.10 -23.49
CA LYS A 700 -7.65 1.36 -24.17
C LYS A 700 -8.36 2.34 -23.24
N HIS A 701 -9.18 1.81 -22.33
CA HIS A 701 -9.89 2.61 -21.35
C HIS A 701 -8.98 3.07 -20.24
N LEU A 702 -8.08 2.18 -19.82
CA LEU A 702 -7.07 2.51 -18.83
C LEU A 702 -6.09 3.56 -19.35
N ASN A 703 -5.72 3.42 -20.61
CA ASN A 703 -4.83 4.39 -21.26
C ASN A 703 -5.37 5.82 -21.22
N ARG A 704 -6.67 5.98 -21.49
CA ARG A 704 -7.30 7.30 -21.43
C ARG A 704 -7.28 7.89 -20.03
N GLN A 705 -7.46 7.05 -19.02
CA GLN A 705 -7.37 7.45 -17.62
C GLN A 705 -5.96 7.92 -17.30
N VAL A 706 -4.97 7.12 -17.66
CA VAL A 706 -3.56 7.45 -17.43
C VAL A 706 -3.19 8.75 -18.16
N GLU A 707 -3.66 8.87 -19.39
CA GLU A 707 -3.41 10.05 -20.22
C GLU A 707 -4.02 11.31 -19.61
N ALA A 708 -5.18 11.15 -18.97
CA ALA A 708 -5.84 12.25 -18.28
C ALA A 708 -5.10 12.65 -17.01
N MET A 709 -4.71 11.65 -16.21
CA MET A 709 -4.02 11.88 -14.96
C MET A 709 -2.63 12.51 -15.14
N GLU A 710 -1.93 12.11 -16.20
CA GLU A 710 -0.60 12.65 -16.49
C GLU A 710 -0.68 14.15 -16.81
N LYS A 711 -1.70 14.52 -17.58
CA LYS A 711 -1.91 15.92 -17.94
C LYS A 711 -2.34 16.78 -16.75
N LEU A 712 -3.00 16.16 -15.76
CA LEU A 712 -3.33 16.86 -14.53
C LEU A 712 -2.09 17.01 -13.65
N ILE A 713 -1.23 16.00 -13.67
CA ILE A 713 0.06 16.03 -13.00
C ILE A 713 0.93 17.14 -13.62
N ASN A 714 0.97 17.20 -14.95
CA ASN A 714 1.66 18.27 -15.68
C ASN A 714 1.23 19.67 -15.23
N LEU A 715 -0.08 19.92 -15.23
CA LEU A 715 -0.64 21.23 -14.87
C LEU A 715 -0.38 21.64 -13.43
N THR A 716 -0.51 20.69 -12.51
CA THR A 716 -0.31 20.98 -11.09
C THR A 716 1.17 21.20 -10.78
N ASP A 717 2.04 20.50 -11.51
CA ASP A 717 3.49 20.69 -11.40
C ASP A 717 3.83 22.14 -11.68
N ILE A 718 3.47 22.61 -12.88
CA ILE A 718 3.69 23.99 -13.32
C ILE A 718 3.18 25.02 -12.30
N LEU A 719 1.99 24.77 -11.75
CA LEU A 719 1.41 25.65 -10.73
C LEU A 719 2.25 25.73 -9.46
N LYS A 720 2.88 24.62 -9.11
CA LYS A 720 3.63 24.51 -7.85
C LYS A 720 5.07 25.02 -7.95
N GLN A 721 5.67 24.85 -9.13
CA GLN A 721 7.03 25.33 -9.37
C GLN A 721 7.06 26.71 -10.05
N GLU A 722 6.60 26.76 -11.30
CA GLU A 722 6.75 27.94 -12.14
C GLU A 722 5.81 29.10 -11.83
N LYS A 723 4.73 28.82 -11.10
CA LYS A 723 3.70 29.83 -10.82
C LYS A 723 3.45 30.02 -9.32
N LYS A 724 4.44 29.69 -8.50
CA LYS A 724 4.31 29.76 -7.04
C LYS A 724 4.08 31.18 -6.53
N ASP A 725 4.82 32.13 -7.09
CA ASP A 725 4.73 33.53 -6.69
C ASP A 725 3.70 34.32 -7.52
N GLU A 726 2.64 33.63 -7.93
CA GLU A 726 1.50 34.25 -8.61
C GLU A 726 0.28 34.11 -7.71
N THR A 727 -0.66 35.05 -7.85
CA THR A 727 -1.91 35.00 -7.11
C THR A 727 -2.85 33.95 -7.69
N GLN A 728 -3.85 33.54 -6.92
CA GLN A 728 -4.79 32.51 -7.34
C GLN A 728 -5.66 32.94 -8.53
N LYS A 729 -5.90 34.24 -8.66
CA LYS A 729 -6.66 34.79 -9.78
C LYS A 729 -5.96 34.49 -11.09
N VAL A 730 -4.64 34.70 -11.13
CA VAL A 730 -3.83 34.48 -12.33
C VAL A 730 -3.56 32.99 -12.54
N GLN A 731 -3.26 32.29 -11.44
CA GLN A 731 -3.06 30.83 -11.48
C GLN A 731 -4.23 30.11 -12.13
N MET A 732 -5.45 30.55 -11.80
CA MET A 732 -6.66 30.03 -12.41
C MET A 732 -6.77 30.35 -13.90
N LYS A 733 -6.37 31.58 -14.26
CA LYS A 733 -6.36 32.00 -15.67
C LYS A 733 -5.44 31.10 -16.48
N PHE A 734 -4.24 30.83 -15.95
CA PHE A 734 -3.31 29.92 -16.58
C PHE A 734 -3.95 28.56 -16.80
N LEU A 735 -4.62 28.06 -15.76
CA LEU A 735 -5.28 26.76 -15.79
C LEU A 735 -6.31 26.67 -16.92
N VAL A 736 -7.18 27.69 -17.02
CA VAL A 736 -8.20 27.74 -18.06
C VAL A 736 -7.57 27.82 -19.46
N GLU A 737 -6.64 28.76 -19.63
CA GLU A 737 -5.94 28.93 -20.92
C GLU A 737 -5.30 27.62 -21.38
N GLN A 738 -4.79 26.84 -20.43
CA GLN A 738 -4.15 25.56 -20.72
C GLN A 738 -5.14 24.40 -20.85
N MET A 739 -6.30 24.51 -20.22
CA MET A 739 -7.33 23.48 -20.32
C MET A 739 -8.16 23.62 -21.60
N ARG A 740 -8.33 24.85 -22.07
CA ARG A 740 -9.12 25.14 -23.27
C ARG A 740 -8.53 24.54 -24.53
N ARG A 741 -7.22 24.29 -24.52
CA ARG A 741 -6.51 23.70 -25.67
C ARG A 741 -7.14 22.38 -26.10
N PRO A 742 -7.20 22.14 -27.42
CA PRO A 742 -7.82 20.92 -27.97
C PRO A 742 -7.22 19.61 -27.47
N ASP A 743 -5.91 19.57 -27.27
CA ASP A 743 -5.25 18.34 -26.79
C ASP A 743 -5.62 17.99 -25.35
N PHE A 744 -5.89 19.01 -24.54
CA PHE A 744 -6.33 18.82 -23.15
C PHE A 744 -7.80 18.46 -23.05
N MET A 745 -8.61 19.07 -23.92
CA MET A 745 -10.04 18.80 -23.95
C MET A 745 -10.33 17.37 -24.37
N ASP A 746 -9.58 16.89 -25.35
CA ASP A 746 -9.74 15.53 -25.86
C ASP A 746 -9.22 14.49 -24.87
N ALA A 747 -8.26 14.89 -24.03
CA ALA A 747 -7.70 13.99 -23.03
C ALA A 747 -8.53 13.95 -21.75
N LEU A 748 -9.00 15.12 -21.31
CA LEU A 748 -9.71 15.23 -20.02
C LEU A 748 -11.22 15.08 -20.13
N GLN A 749 -11.69 14.64 -21.29
CA GLN A 749 -13.12 14.41 -21.51
C GLN A 749 -13.35 13.03 -22.11
N GLY A 750 -14.46 12.40 -21.75
CA GLY A 750 -14.84 11.11 -22.30
C GLY A 750 -13.93 9.97 -21.85
N PHE A 751 -13.63 9.94 -20.55
CA PHE A 751 -12.92 8.82 -19.95
C PHE A 751 -13.66 8.34 -18.70
N LEU A 752 -13.26 7.19 -18.17
CA LEU A 752 -13.94 6.62 -17.02
C LEU A 752 -13.30 7.08 -15.72
N SER A 753 -14.10 7.31 -14.70
CA SER A 753 -13.59 7.73 -13.39
C SER A 753 -12.72 6.63 -12.78
N PRO A 754 -11.46 6.97 -12.44
CA PRO A 754 -10.64 5.97 -11.77
C PRO A 754 -11.09 5.69 -10.33
N LEU A 755 -11.96 6.55 -9.78
CA LEU A 755 -12.56 6.34 -8.47
C LEU A 755 -13.65 5.27 -8.52
N ASN A 756 -14.30 5.17 -9.68
CA ASN A 756 -15.40 4.26 -9.91
C ASN A 756 -15.62 4.12 -11.42
N PRO A 757 -15.18 2.99 -12.00
CA PRO A 757 -15.23 2.80 -13.45
C PRO A 757 -16.66 2.81 -14.04
N ALA A 758 -17.68 2.62 -13.21
CA ALA A 758 -19.06 2.70 -13.67
C ALA A 758 -19.50 4.14 -13.99
N HIS A 759 -18.70 5.11 -13.53
CA HIS A 759 -18.98 6.53 -13.75
C HIS A 759 -18.20 7.04 -14.92
N GLN A 760 -18.89 7.28 -16.03
CA GLN A 760 -18.25 7.90 -17.17
C GLN A 760 -18.13 9.40 -16.91
N LEU A 761 -16.97 9.96 -17.25
CA LEU A 761 -16.75 11.40 -17.10
C LEU A 761 -16.76 12.06 -18.47
N GLY A 762 -17.86 12.74 -18.79
CA GLY A 762 -18.06 13.35 -20.10
C GLY A 762 -17.38 14.70 -20.24
N ASN A 763 -18.15 15.70 -20.61
CA ASN A 763 -17.62 17.05 -20.81
C ASN A 763 -17.30 17.77 -19.51
N LEU A 764 -16.19 18.51 -19.53
CA LEU A 764 -15.82 19.35 -18.40
C LEU A 764 -16.69 20.60 -18.34
N ARG A 765 -17.16 20.90 -17.14
CA ARG A 765 -17.75 22.21 -16.89
C ARG A 765 -16.63 23.14 -16.44
N LEU A 766 -15.86 23.60 -17.43
CA LEU A 766 -14.62 24.33 -17.22
C LEU A 766 -14.78 25.64 -16.45
N GLU A 767 -15.94 26.27 -16.58
CA GLU A 767 -16.26 27.50 -15.85
C GLU A 767 -16.38 27.26 -14.35
N GLU A 768 -16.62 26.01 -13.95
CA GLU A 768 -16.86 25.67 -12.55
C GLU A 768 -15.69 24.93 -11.89
N CYS A 769 -14.66 24.63 -12.68
CA CYS A 769 -13.44 24.04 -12.16
C CYS A 769 -12.60 25.10 -11.46
N ARG A 770 -12.05 24.75 -10.30
CA ARG A 770 -11.34 25.71 -9.47
C ARG A 770 -10.12 25.09 -8.78
N ILE A 771 -9.10 25.91 -8.57
CA ILE A 771 -7.98 25.55 -7.71
C ILE A 771 -8.44 25.78 -6.27
N MET A 772 -8.06 24.89 -5.36
CA MET A 772 -8.40 25.06 -3.96
C MET A 772 -7.36 25.92 -3.24
N SER A 773 -7.64 26.27 -1.98
CA SER A 773 -6.83 27.25 -1.24
C SER A 773 -5.43 26.78 -0.82
N SER A 774 -5.26 25.47 -0.67
CA SER A 774 -4.01 24.87 -0.17
C SER A 774 -2.78 25.17 -1.01
N ALA A 775 -1.61 25.00 -0.39
CA ALA A 775 -0.32 25.26 -1.04
C ALA A 775 0.05 24.19 -2.06
N LYS A 776 -0.48 22.99 -1.88
CA LYS A 776 -0.28 21.89 -2.82
C LYS A 776 -1.17 22.06 -4.05
N ARG A 777 -2.11 23.01 -3.95
CA ARG A 777 -2.97 23.45 -5.05
C ARG A 777 -3.89 22.35 -5.61
N PRO A 778 -4.79 21.82 -4.77
CA PRO A 778 -5.71 20.76 -5.22
C PRO A 778 -6.69 21.30 -6.24
N LEU A 779 -6.99 20.50 -7.25
CA LEU A 779 -7.89 20.91 -8.32
C LEU A 779 -9.29 20.35 -8.08
N TRP A 780 -10.25 21.25 -7.89
CA TRP A 780 -11.65 20.89 -7.74
C TRP A 780 -12.26 20.80 -9.11
N LEU A 781 -12.34 19.59 -9.64
CA LEU A 781 -12.80 19.39 -11.02
C LEU A 781 -14.28 19.04 -11.09
N ASN A 782 -14.89 19.33 -12.23
CA ASN A 782 -16.32 19.16 -12.42
C ASN A 782 -16.62 18.61 -13.82
N TRP A 783 -17.17 17.39 -13.87
CA TRP A 783 -17.55 16.76 -15.14
C TRP A 783 -19.03 16.57 -15.25
N GLU A 784 -19.53 16.64 -16.48
CA GLU A 784 -20.89 16.25 -16.80
C GLU A 784 -21.00 14.72 -16.76
N ASN A 785 -22.14 14.22 -16.30
CA ASN A 785 -22.43 12.79 -16.43
C ASN A 785 -23.14 12.56 -17.77
N PRO A 786 -22.44 11.92 -18.74
CA PRO A 786 -22.92 11.84 -20.13
C PRO A 786 -24.01 10.80 -20.37
N ASP A 787 -24.46 10.14 -19.31
CA ASP A 787 -25.50 9.11 -19.41
C ASP A 787 -26.83 9.75 -19.80
N ILE A 788 -27.59 9.06 -20.64
CA ILE A 788 -28.86 9.59 -21.15
C ILE A 788 -30.01 9.52 -20.14
N MET A 789 -29.67 9.17 -18.91
CA MET A 789 -30.62 9.08 -17.80
C MET A 789 -30.00 9.66 -16.52
N SER A 790 -28.95 10.47 -16.68
CA SER A 790 -28.13 10.95 -15.57
C SER A 790 -28.87 11.81 -14.53
N GLU A 791 -29.92 12.51 -14.95
CA GLU A 791 -30.69 13.38 -14.06
C GLU A 791 -31.31 12.65 -12.87
N LEU A 792 -31.52 11.34 -13.03
CA LEU A 792 -32.16 10.52 -12.00
C LEU A 792 -31.18 10.07 -10.91
N LEU A 793 -29.89 10.04 -11.25
CA LEU A 793 -28.85 9.74 -10.27
C LEU A 793 -28.07 11.02 -9.94
N PHE A 794 -27.14 11.40 -10.82
CA PHE A 794 -26.43 12.68 -10.71
C PHE A 794 -26.06 13.25 -12.07
N GLN A 795 -26.36 14.52 -12.28
CA GLN A 795 -26.08 15.20 -13.55
C GLN A 795 -24.61 15.54 -13.74
N ASN A 796 -23.93 15.84 -12.63
CA ASN A 796 -22.52 16.18 -12.68
C ASN A 796 -21.68 15.47 -11.62
N ASN A 797 -20.46 15.14 -11.99
CA ASN A 797 -19.53 14.42 -11.13
C ASN A 797 -18.37 15.33 -10.73
N GLU A 798 -18.19 15.52 -9.43
CA GLU A 798 -17.11 16.36 -8.90
C GLU A 798 -16.03 15.51 -8.22
N ILE A 799 -14.78 15.85 -8.49
CA ILE A 799 -13.63 15.13 -7.96
C ILE A 799 -12.55 16.14 -7.58
N ILE A 800 -11.88 15.91 -6.46
CA ILE A 800 -10.72 16.71 -6.07
C ILE A 800 -9.46 15.94 -6.47
N PHE A 801 -8.68 16.55 -7.36
CA PHE A 801 -7.37 16.02 -7.75
C PHE A 801 -6.25 16.67 -6.94
N LYS A 802 -5.55 15.86 -6.15
CA LYS A 802 -4.50 16.37 -5.27
C LYS A 802 -3.16 15.82 -5.71
N ASN A 803 -2.20 16.72 -5.86
CA ASN A 803 -0.84 16.39 -6.22
C ASN A 803 0.11 17.05 -5.21
N GLY A 804 0.54 16.27 -4.22
CA GLY A 804 1.49 16.75 -3.22
C GLY A 804 1.36 16.11 -1.87
N ASP A 805 0.18 15.58 -1.59
CA ASP A 805 -0.08 14.86 -0.34
C ASP A 805 -0.19 13.37 -0.58
N ASP A 806 0.41 12.60 0.31
CA ASP A 806 0.28 11.15 0.32
C ASP A 806 -1.15 10.85 0.78
N LEU A 807 -1.93 10.24 -0.11
CA LEU A 807 -3.34 9.96 0.19
C LEU A 807 -3.58 8.49 0.54
N ARG A 808 -2.53 7.76 0.84
CA ARG A 808 -2.64 6.34 1.18
C ARG A 808 -3.22 6.13 2.57
N GLN A 809 -2.90 7.03 3.50
CA GLN A 809 -3.42 6.99 4.86
C GLN A 809 -4.92 7.22 4.90
N ASP A 810 -5.39 8.21 4.14
CA ASP A 810 -6.81 8.47 3.96
C ASP A 810 -7.51 7.31 3.26
N MET A 811 -6.88 6.79 2.22
CA MET A 811 -7.39 5.64 1.49
C MET A 811 -7.63 4.44 2.42
N LEU A 812 -6.70 4.21 3.35
CA LEU A 812 -6.86 3.13 4.31
C LEU A 812 -7.92 3.45 5.36
N THR A 813 -7.93 4.68 5.85
CA THR A 813 -8.88 5.12 6.87
C THR A 813 -10.30 4.97 6.35
N LEU A 814 -10.52 5.33 5.10
CA LEU A 814 -11.85 5.23 4.49
C LEU A 814 -12.26 3.78 4.22
N GLN A 815 -11.28 2.92 3.91
CA GLN A 815 -11.55 1.50 3.79
C GLN A 815 -12.02 0.92 5.12
N ILE A 816 -11.30 1.25 6.20
CA ILE A 816 -11.62 0.76 7.55
C ILE A 816 -13.00 1.23 7.98
N ILE A 817 -13.30 2.51 7.74
CA ILE A 817 -14.60 3.09 8.03
C ILE A 817 -15.71 2.33 7.32
N ARG A 818 -15.49 2.01 6.04
CA ARG A 818 -16.45 1.24 5.26
C ARG A 818 -16.72 -0.13 5.90
N ILE A 819 -15.65 -0.82 6.30
CA ILE A 819 -15.73 -2.13 6.94
C ILE A 819 -16.44 -2.05 8.30
N MET A 820 -16.12 -1.02 9.08
CA MET A 820 -16.79 -0.79 10.36
C MET A 820 -18.28 -0.61 10.18
N GLU A 821 -18.67 0.16 9.15
CA GLU A 821 -20.08 0.40 8.83
C GLU A 821 -20.80 -0.91 8.52
N ASN A 822 -20.14 -1.76 7.73
CA ASN A 822 -20.64 -3.08 7.37
C ASN A 822 -20.89 -3.95 8.61
N ILE A 823 -19.95 -3.95 9.54
CA ILE A 823 -20.08 -4.67 10.81
C ILE A 823 -21.32 -4.21 11.58
N TRP A 824 -21.46 -2.90 11.77
CA TRP A 824 -22.55 -2.33 12.52
C TRP A 824 -23.89 -2.60 11.91
N GLN A 825 -23.95 -2.49 10.58
CA GLN A 825 -25.19 -2.67 9.84
C GLN A 825 -25.75 -4.10 9.97
N ASN A 826 -24.89 -5.09 9.79
CA ASN A 826 -25.27 -6.50 9.90
C ASN A 826 -25.62 -6.94 11.32
N GLN A 827 -25.17 -6.16 12.30
CA GLN A 827 -25.41 -6.44 13.71
C GLN A 827 -26.61 -5.64 14.24
N GLY A 828 -27.33 -4.98 13.33
CA GLY A 828 -28.55 -4.25 13.68
C GLY A 828 -28.38 -2.82 14.15
N LEU A 829 -27.15 -2.32 14.08
CA LEU A 829 -26.85 -0.92 14.42
C LEU A 829 -26.82 -0.04 13.18
N ASP A 830 -27.80 0.83 13.05
CA ASP A 830 -27.86 1.73 11.92
C ASP A 830 -27.08 3.01 12.22
N LEU A 831 -25.76 2.91 12.07
CA LEU A 831 -24.89 4.07 12.20
C LEU A 831 -24.28 4.34 10.84
N ARG A 832 -24.82 5.35 10.15
CA ARG A 832 -24.42 5.63 8.79
C ARG A 832 -23.15 6.45 8.74
N MET A 833 -22.12 5.86 8.15
CA MET A 833 -20.83 6.51 7.90
C MET A 833 -20.80 7.01 6.46
N LEU A 834 -19.78 7.78 6.12
CA LEU A 834 -19.66 8.27 4.76
C LEU A 834 -18.24 8.09 4.24
N PRO A 835 -17.89 6.83 3.87
CA PRO A 835 -16.57 6.54 3.32
C PRO A 835 -16.53 6.89 1.84
N TYR A 836 -16.32 8.17 1.56
CA TYR A 836 -16.31 8.69 0.20
C TYR A 836 -15.16 8.08 -0.57
N GLY A 837 -15.22 8.18 -1.90
CA GLY A 837 -14.15 7.68 -2.74
C GLY A 837 -12.84 8.39 -2.47
N CYS A 838 -11.77 7.62 -2.42
CA CYS A 838 -10.41 8.12 -2.32
C CYS A 838 -9.44 7.09 -2.88
N LEU A 839 -8.64 7.50 -3.85
CA LEU A 839 -7.70 6.60 -4.50
C LEU A 839 -6.35 7.28 -4.72
N SER A 840 -5.31 6.63 -4.24
CA SER A 840 -3.93 7.02 -4.53
C SER A 840 -3.56 6.51 -5.93
N ILE A 841 -3.08 7.40 -6.79
CA ILE A 841 -2.80 7.04 -8.20
C ILE A 841 -1.32 7.17 -8.59
N GLY A 842 -0.49 7.54 -7.63
CA GLY A 842 0.94 7.71 -7.85
C GLY A 842 1.62 8.20 -6.60
N ASP A 843 2.85 8.69 -6.75
CA ASP A 843 3.60 9.25 -5.64
C ASP A 843 3.01 10.58 -5.21
N CYS A 844 2.29 10.55 -4.10
CA CYS A 844 1.58 11.72 -3.57
C CYS A 844 0.67 12.38 -4.60
N VAL A 845 0.04 11.54 -5.43
CA VAL A 845 -0.97 11.99 -6.38
C VAL A 845 -2.21 11.15 -6.12
N GLY A 846 -3.36 11.78 -6.03
CA GLY A 846 -4.58 11.04 -5.76
C GLY A 846 -5.89 11.71 -6.13
N LEU A 847 -6.97 10.96 -5.98
CA LEU A 847 -8.33 11.42 -6.29
C LEU A 847 -9.25 11.24 -5.09
N ILE A 848 -10.02 12.29 -4.80
CA ILE A 848 -10.97 12.32 -3.70
C ILE A 848 -12.36 12.63 -4.26
N GLU A 849 -13.32 11.78 -3.95
CA GLU A 849 -14.71 11.99 -4.33
C GLU A 849 -15.28 13.18 -3.57
N VAL A 850 -16.04 14.01 -4.26
CA VAL A 850 -16.73 15.14 -3.64
C VAL A 850 -18.16 14.75 -3.27
N VAL A 851 -18.50 14.99 -1.99
CA VAL A 851 -19.84 14.76 -1.47
C VAL A 851 -20.68 15.99 -1.74
N ARG A 852 -21.77 15.83 -2.48
CA ARG A 852 -22.66 16.93 -2.81
C ARG A 852 -23.41 17.45 -1.58
N ASN A 853 -23.61 18.77 -1.55
CA ASN A 853 -24.36 19.47 -0.50
C ASN A 853 -23.77 19.36 0.92
N SER A 854 -22.44 19.40 1.01
CA SER A 854 -21.76 19.26 2.30
C SER A 854 -21.00 20.52 2.71
N HIS A 855 -21.05 20.85 3.99
CA HIS A 855 -20.44 22.06 4.52
C HIS A 855 -19.64 21.76 5.74
N THR A 856 -18.48 22.41 5.88
CA THR A 856 -17.65 22.28 7.08
C THR A 856 -18.35 22.94 8.27
N ILE A 857 -17.94 22.58 9.48
CA ILE A 857 -18.56 23.12 10.69
C ILE A 857 -18.28 24.62 10.84
N MET A 858 -17.09 25.06 10.43
CA MET A 858 -16.74 26.48 10.48
C MET A 858 -17.65 27.32 9.59
N GLN A 859 -17.96 26.82 8.40
CA GLN A 859 -18.87 27.49 7.45
C GLN A 859 -20.24 27.76 8.08
N ILE A 860 -20.72 26.81 8.87
CA ILE A 860 -22.00 26.94 9.56
C ILE A 860 -21.92 27.99 10.67
N GLN A 861 -20.81 27.96 11.42
CA GLN A 861 -20.62 28.81 12.59
C GLN A 861 -20.28 30.27 12.27
N CYS A 862 -19.51 30.49 11.22
CA CYS A 862 -19.08 31.83 10.81
C CYS A 862 -20.24 32.66 10.26
N ASN A 873 -21.64 32.36 19.24
CA ASN A 873 -22.86 31.61 19.50
C ASN A 873 -22.66 30.12 19.22
N SER A 874 -23.21 29.28 20.09
CA SER A 874 -23.05 27.83 19.99
C SER A 874 -24.37 27.09 19.70
N HIS A 875 -25.35 27.82 19.20
CA HIS A 875 -26.65 27.25 18.84
C HIS A 875 -26.89 27.26 17.36
N THR A 876 -26.03 27.94 16.61
CA THR A 876 -26.23 28.16 15.17
C THR A 876 -26.14 26.91 14.29
N LEU A 877 -25.45 25.88 14.78
CA LEU A 877 -25.39 24.60 14.07
C LEU A 877 -26.75 23.91 14.11
N HIS A 878 -27.30 23.79 15.31
CA HIS A 878 -28.64 23.22 15.52
C HIS A 878 -29.70 23.98 14.79
N GLN A 879 -29.63 25.31 14.83
CA GLN A 879 -30.58 26.18 14.14
C GLN A 879 -30.45 26.10 12.61
N TRP A 880 -29.22 25.89 12.12
CA TRP A 880 -28.96 25.74 10.69
C TRP A 880 -29.61 24.50 10.15
N LEU A 881 -29.48 23.41 10.90
CA LEU A 881 -30.04 22.12 10.51
C LEU A 881 -31.56 22.16 10.53
N LYS A 882 -32.10 23.02 11.39
CA LYS A 882 -33.55 23.20 11.53
C LYS A 882 -34.15 23.83 10.25
N ASP A 883 -33.44 24.81 9.68
CA ASP A 883 -33.87 25.47 8.44
C ASP A 883 -33.90 24.51 7.26
N LYS A 884 -32.83 23.70 7.15
CA LYS A 884 -32.67 22.76 6.05
C LYS A 884 -33.62 21.55 6.18
N ASN A 885 -34.09 21.31 7.40
CA ASN A 885 -35.05 20.24 7.65
C ASN A 885 -36.26 20.75 8.44
N LYS A 886 -36.99 21.68 7.83
CA LYS A 886 -38.12 22.34 8.48
C LYS A 886 -39.38 21.48 8.49
N GLY A 887 -40.13 21.56 9.59
CA GLY A 887 -41.38 20.81 9.74
C GLY A 887 -41.22 19.52 10.50
N GLU A 888 -41.89 18.47 10.02
CA GLU A 888 -41.91 17.16 10.69
C GLU A 888 -40.72 16.28 10.30
N ILE A 889 -40.08 16.61 9.19
CA ILE A 889 -38.91 15.87 8.70
C ILE A 889 -37.66 16.16 9.53
N TYR A 890 -37.84 17.00 10.54
CA TYR A 890 -36.79 17.42 11.47
C TYR A 890 -36.21 16.26 12.28
N ASP A 891 -37.08 15.32 12.69
CA ASP A 891 -36.67 14.16 13.49
C ASP A 891 -35.77 13.18 12.74
N ALA A 892 -35.96 13.09 11.43
CA ALA A 892 -35.14 12.23 10.57
C ALA A 892 -33.72 12.77 10.45
N ALA A 893 -33.59 14.09 10.61
CA ALA A 893 -32.29 14.76 10.58
C ALA A 893 -31.52 14.56 11.89
N ILE A 894 -32.18 14.82 13.02
CA ILE A 894 -31.56 14.66 14.34
C ILE A 894 -31.13 13.21 14.57
N ASP A 895 -31.94 12.27 14.08
CA ASP A 895 -31.62 10.84 14.14
C ASP A 895 -30.33 10.57 13.37
N LEU A 896 -30.29 11.00 12.11
CA LEU A 896 -29.16 10.77 11.22
C LEU A 896 -27.87 11.41 11.73
N PHE A 897 -27.98 12.62 12.27
CA PHE A 897 -26.86 13.33 12.88
C PHE A 897 -26.29 12.57 14.08
N THR A 898 -27.19 12.15 14.98
CA THR A 898 -26.84 11.42 16.18
C THR A 898 -26.17 10.09 15.83
N ARG A 899 -26.75 9.37 14.87
CA ARG A 899 -26.21 8.09 14.42
C ARG A 899 -24.83 8.25 13.76
N SER A 900 -24.71 9.28 12.92
CA SER A 900 -23.45 9.65 12.26
C SER A 900 -22.38 10.04 13.27
N CYS A 901 -22.78 10.86 14.22
CA CYS A 901 -21.87 11.34 15.26
C CYS A 901 -21.32 10.18 16.09
N ALA A 902 -22.19 9.25 16.46
CA ALA A 902 -21.80 8.08 17.25
C ALA A 902 -20.76 7.22 16.54
N GLY A 903 -21.05 6.88 15.28
CA GLY A 903 -20.15 6.08 14.46
C GLY A 903 -18.78 6.73 14.35
N TYR A 904 -18.76 8.00 13.96
CA TYR A 904 -17.50 8.74 13.81
C TYR A 904 -16.79 9.00 15.14
N CYS A 905 -17.56 9.17 16.21
CA CYS A 905 -16.96 9.32 17.54
C CYS A 905 -16.18 8.07 17.95
N VAL A 906 -16.82 6.91 17.79
CA VAL A 906 -16.20 5.62 18.11
C VAL A 906 -15.09 5.24 17.13
N ALA A 907 -15.34 5.41 15.83
CA ALA A 907 -14.38 5.03 14.80
C ALA A 907 -13.07 5.81 14.91
N THR A 908 -13.17 7.12 15.15
CA THR A 908 -11.99 7.97 15.24
C THR A 908 -11.17 7.72 16.50
N PHE A 909 -11.86 7.40 17.59
CA PHE A 909 -11.20 7.02 18.84
C PHE A 909 -10.37 5.74 18.68
N ILE A 910 -10.99 4.71 18.13
CA ILE A 910 -10.34 3.43 17.89
C ILE A 910 -9.06 3.60 17.06
N LEU A 911 -9.15 4.34 15.96
CA LEU A 911 -8.04 4.47 15.01
C LEU A 911 -7.04 5.58 15.34
N GLY A 912 -7.38 6.44 16.29
CA GLY A 912 -6.51 7.54 16.71
C GLY A 912 -6.11 8.50 15.60
N ILE A 913 -7.10 8.90 14.80
CA ILE A 913 -6.85 9.84 13.70
C ILE A 913 -6.59 11.25 14.25
N GLY A 914 -5.95 12.10 13.42
CA GLY A 914 -5.59 13.45 13.82
C GLY A 914 -6.74 14.25 14.38
N ASP A 915 -6.45 15.11 15.37
CA ASP A 915 -7.45 15.88 16.09
C ASP A 915 -8.45 16.55 15.17
N ARG A 916 -9.73 16.43 15.51
CA ARG A 916 -10.82 17.02 14.73
C ARG A 916 -11.06 18.47 15.11
N HIS A 917 -11.40 19.27 14.10
CA HIS A 917 -11.85 20.64 14.30
C HIS A 917 -12.90 21.00 13.29
N ASN A 918 -13.40 22.23 13.36
CA ASN A 918 -14.45 22.73 12.48
C ASN A 918 -14.23 22.46 10.98
N SER A 919 -12.96 22.43 10.56
CA SER A 919 -12.62 22.19 9.15
C SER A 919 -12.57 20.70 8.81
N ASN A 920 -12.26 19.87 9.80
CA ASN A 920 -12.21 18.42 9.63
C ASN A 920 -13.57 17.77 9.53
N ILE A 921 -14.56 18.39 10.15
CA ILE A 921 -15.90 17.81 10.28
C ILE A 921 -16.86 18.48 9.31
N MET A 922 -17.63 17.66 8.59
CA MET A 922 -18.61 18.19 7.65
C MET A 922 -20.02 17.65 7.90
N VAL A 923 -21.02 18.38 7.41
CA VAL A 923 -22.42 18.00 7.55
C VAL A 923 -23.13 18.13 6.21
N LYS A 924 -23.96 17.16 5.87
CA LYS A 924 -24.82 17.22 4.68
C LYS A 924 -26.16 17.90 5.01
N ASP A 925 -26.92 18.22 3.97
CA ASP A 925 -28.25 18.82 4.12
C ASP A 925 -29.19 17.98 4.99
N ASP A 926 -29.25 16.68 4.70
CA ASP A 926 -30.14 15.76 5.41
C ASP A 926 -29.77 15.54 6.89
N GLY A 927 -28.57 15.99 7.26
CA GLY A 927 -28.11 15.90 8.65
C GLY A 927 -27.01 14.90 8.92
N GLN A 928 -26.47 14.28 7.88
CA GLN A 928 -25.42 13.27 8.03
C GLN A 928 -24.07 13.92 8.31
N LEU A 929 -23.44 13.51 9.40
CA LEU A 929 -22.14 14.05 9.77
C LEU A 929 -21.04 13.09 9.31
N PHE A 930 -19.95 13.65 8.77
CA PHE A 930 -18.79 12.85 8.37
C PHE A 930 -17.47 13.62 8.52
N HIS A 931 -16.36 12.92 8.29
CA HIS A 931 -15.04 13.49 8.50
C HIS A 931 -14.25 13.48 7.23
N ILE A 932 -13.29 14.40 7.14
CA ILE A 932 -12.37 14.46 6.01
C ILE A 932 -10.94 14.68 6.50
N ASP A 933 -9.97 14.59 5.58
CA ASP A 933 -8.55 14.82 5.87
C ASP A 933 -8.13 14.14 7.19
N PHE A 934 -7.95 12.83 7.14
CA PHE A 934 -7.55 12.07 8.31
C PHE A 934 -6.04 12.20 8.54
N GLY A 935 -5.28 12.08 7.46
CA GLY A 935 -3.86 12.47 7.46
C GLY A 935 -2.94 11.54 8.21
N HIS A 936 -3.11 11.49 9.53
CA HIS A 936 -2.33 10.59 10.38
C HIS A 936 -3.25 9.77 11.24
N PHE A 937 -2.96 8.48 11.37
CA PHE A 937 -3.71 7.62 12.30
C PHE A 937 -2.80 6.92 13.31
N LEU A 938 -3.38 6.03 14.10
CA LEU A 938 -2.70 5.26 15.14
C LEU A 938 -1.86 6.14 16.07
N ASP A 939 -2.29 7.40 16.20
CA ASP A 939 -1.60 8.41 17.00
C ASP A 939 -0.13 8.49 16.59
N HIS A 940 0.12 9.16 15.48
CA HIS A 940 1.49 9.36 14.98
C HIS A 940 2.09 10.60 15.61
N LYS A 941 1.25 11.38 16.28
CA LYS A 941 1.70 12.52 17.08
C LYS A 941 2.06 12.15 18.52
N LYS A 942 2.15 10.84 18.81
CA LYS A 942 2.52 10.39 20.16
C LYS A 942 4.02 10.22 20.31
N LYS A 943 4.67 9.70 19.27
CA LYS A 943 6.11 9.79 19.14
C LYS A 943 6.39 11.20 18.60
N LYS A 944 7.58 11.72 18.88
CA LYS A 944 7.88 13.15 18.70
C LYS A 944 7.23 13.99 19.81
N PHE A 945 6.32 13.35 20.55
CA PHE A 945 5.73 13.90 21.77
C PHE A 945 6.09 12.95 22.92
N GLY A 946 5.63 13.25 24.12
CA GLY A 946 5.98 12.45 25.30
C GLY A 946 4.97 11.37 25.65
N TYR A 947 3.78 11.79 26.09
CA TYR A 947 2.76 10.92 26.69
C TYR A 947 2.45 9.65 25.88
N LYS A 948 2.22 8.56 26.61
CA LYS A 948 1.85 7.27 26.04
C LYS A 948 0.39 6.94 26.36
N ARG A 949 -0.46 7.96 26.23
CA ARG A 949 -1.90 7.85 26.47
C ARG A 949 -2.64 7.82 25.13
N GLU A 950 -3.95 7.52 25.18
CA GLU A 950 -4.77 7.42 23.98
C GLU A 950 -5.70 8.63 23.83
N ARG A 951 -5.48 9.40 22.77
CA ARG A 951 -6.28 10.59 22.48
C ARG A 951 -7.71 10.25 22.14
N VAL A 952 -8.60 11.20 22.40
CA VAL A 952 -9.96 11.16 21.89
C VAL A 952 -10.07 12.26 20.83
N PRO A 953 -9.81 11.91 19.56
CA PRO A 953 -9.71 12.89 18.47
C PRO A 953 -10.96 13.73 18.28
N PHE A 954 -12.12 13.13 18.46
CA PHE A 954 -13.39 13.80 18.18
C PHE A 954 -14.20 14.09 19.44
N VAL A 955 -13.91 15.25 20.05
CA VAL A 955 -14.60 15.72 21.25
C VAL A 955 -15.90 16.44 20.87
N LEU A 956 -17.00 16.07 21.52
CA LEU A 956 -18.30 16.70 21.31
C LEU A 956 -18.43 17.99 22.11
N THR A 957 -18.24 19.12 21.44
CA THR A 957 -18.45 20.42 22.05
C THR A 957 -19.96 20.65 22.19
N GLN A 958 -20.33 21.60 23.04
CA GLN A 958 -21.74 21.90 23.32
C GLN A 958 -22.56 22.12 22.06
N ASP A 959 -21.90 22.60 21.00
CA ASP A 959 -22.52 22.78 19.69
C ASP A 959 -23.14 21.47 19.18
N PHE A 960 -22.38 20.39 19.26
CA PHE A 960 -22.85 19.06 18.84
C PHE A 960 -23.86 18.48 19.81
N LEU A 961 -23.67 18.73 21.10
CA LEU A 961 -24.54 18.22 22.16
C LEU A 961 -25.94 18.82 22.11
N ILE A 962 -26.04 20.08 21.71
CA ILE A 962 -27.34 20.73 21.53
C ILE A 962 -28.15 20.00 20.45
N VAL A 963 -27.52 19.75 19.30
CA VAL A 963 -28.18 19.06 18.18
C VAL A 963 -28.79 17.74 18.62
N ILE A 964 -27.97 16.91 19.27
CA ILE A 964 -28.41 15.61 19.81
C ILE A 964 -29.58 15.79 20.80
N SER A 965 -29.48 16.83 21.63
CA SER A 965 -30.51 17.10 22.65
C SER A 965 -31.70 17.91 22.12
N LYS A 966 -31.70 18.20 20.82
CA LYS A 966 -32.76 18.95 20.13
C LYS A 966 -32.96 20.37 20.65
N GLY A 967 -31.94 20.92 21.32
CA GLY A 967 -32.01 22.27 21.86
C GLY A 967 -32.43 22.32 23.32
N ALA A 968 -32.27 21.21 24.04
CA ALA A 968 -32.62 21.14 25.45
C ALA A 968 -31.59 21.85 26.34
N GLN A 969 -31.99 22.17 27.56
CA GLN A 969 -31.13 22.88 28.51
C GLN A 969 -29.98 22.00 29.00
N GLU A 970 -30.30 20.97 29.76
CA GLU A 970 -29.32 19.98 30.23
C GLU A 970 -28.96 19.02 29.10
N CYS A 971 -28.08 19.46 28.20
CA CYS A 971 -27.73 18.70 27.00
C CYS A 971 -26.95 17.40 27.25
N THR A 972 -26.42 17.25 28.48
CA THR A 972 -25.77 16.01 28.89
C THR A 972 -26.68 15.16 29.80
N LYS A 973 -27.85 15.71 30.13
CA LYS A 973 -28.82 15.02 31.00
C LYS A 973 -30.18 14.87 30.31
N THR A 974 -30.17 14.45 29.04
CA THR A 974 -31.40 14.14 28.30
C THR A 974 -31.48 12.66 27.97
N ARG A 975 -32.67 12.21 27.60
CA ARG A 975 -32.90 10.82 27.21
C ARG A 975 -32.32 10.54 25.82
N GLU A 976 -32.18 11.61 25.03
CA GLU A 976 -31.59 11.51 23.69
C GLU A 976 -30.08 11.35 23.73
N PHE A 977 -29.45 11.97 24.72
CA PHE A 977 -27.99 11.90 24.89
C PHE A 977 -27.54 10.53 25.41
N GLU A 978 -28.31 9.97 26.35
CA GLU A 978 -28.03 8.64 26.87
C GLU A 978 -28.31 7.57 25.82
N ARG A 979 -29.35 7.81 25.02
CA ARG A 979 -29.67 6.97 23.85
C ARG A 979 -28.51 6.99 22.86
N PHE A 980 -27.89 8.16 22.72
CA PHE A 980 -26.69 8.34 21.91
C PHE A 980 -25.50 7.61 22.53
N GLN A 981 -25.39 7.66 23.85
CA GLN A 981 -24.29 7.00 24.57
C GLN A 981 -24.29 5.49 24.39
N GLU A 982 -25.48 4.88 24.46
CA GLU A 982 -25.61 3.43 24.29
C GLU A 982 -25.27 3.02 22.86
N MET A 983 -25.51 3.91 21.90
CA MET A 983 -25.11 3.68 20.51
C MET A 983 -23.59 3.60 20.39
N CYS A 984 -22.89 4.45 21.13
CA CYS A 984 -21.42 4.45 21.18
C CYS A 984 -20.87 3.24 21.91
N TYR A 985 -21.62 2.76 22.90
CA TYR A 985 -21.22 1.57 23.63
C TYR A 985 -21.41 0.32 22.77
N LYS A 986 -22.52 0.27 22.04
CA LYS A 986 -22.81 -0.84 21.14
C LYS A 986 -21.83 -0.87 19.98
N ALA A 987 -21.56 0.30 19.40
CA ALA A 987 -20.61 0.42 18.29
C ALA A 987 -19.19 0.00 18.69
N TYR A 988 -18.77 0.46 19.87
CA TYR A 988 -17.46 0.13 20.41
C TYR A 988 -17.24 -1.38 20.57
N LEU A 989 -18.19 -2.05 21.24
CA LEU A 989 -18.08 -3.49 21.48
C LEU A 989 -18.24 -4.33 20.20
N ALA A 990 -19.05 -3.85 19.27
CA ALA A 990 -19.22 -4.50 17.97
C ALA A 990 -17.90 -4.60 17.19
N ILE A 991 -17.13 -3.51 17.16
CA ILE A 991 -15.84 -3.53 16.47
C ILE A 991 -14.81 -4.37 17.23
N ARG A 992 -14.84 -4.28 18.56
CA ARG A 992 -13.95 -5.06 19.42
C ARG A 992 -14.07 -6.56 19.14
N GLN A 993 -15.30 -7.03 18.97
CA GLN A 993 -15.57 -8.44 18.65
C GLN A 993 -14.97 -8.86 17.30
N HIS A 994 -14.71 -7.88 16.44
CA HIS A 994 -14.07 -8.12 15.14
C HIS A 994 -12.66 -7.60 15.09
N ALA A 995 -12.04 -7.45 16.25
CA ALA A 995 -10.66 -6.94 16.37
C ALA A 995 -9.64 -7.64 15.48
N ASN A 996 -9.75 -8.97 15.35
CA ASN A 996 -8.80 -9.74 14.55
C ASN A 996 -8.72 -9.26 13.12
N LEU A 997 -9.87 -9.03 12.50
CA LEU A 997 -9.96 -8.57 11.10
C LEU A 997 -9.14 -7.30 10.87
N PHE A 998 -9.33 -6.31 11.74
CA PHE A 998 -8.62 -5.03 11.64
C PHE A 998 -7.12 -5.15 11.91
N ILE A 999 -6.75 -5.93 12.93
CA ILE A 999 -5.34 -6.20 13.21
C ILE A 999 -4.67 -6.85 12.00
N ASN A 1000 -5.35 -7.84 11.41
CA ASN A 1000 -4.88 -8.52 10.21
C ASN A 1000 -4.68 -7.58 9.03
N LEU A 1001 -5.68 -6.75 8.76
CA LEU A 1001 -5.60 -5.81 7.65
C LEU A 1001 -4.39 -4.88 7.81
N PHE A 1002 -4.21 -4.31 9.00
CA PHE A 1002 -3.06 -3.46 9.29
C PHE A 1002 -1.73 -4.20 9.12
N SER A 1003 -1.67 -5.46 9.57
CA SER A 1003 -0.46 -6.28 9.50
C SER A 1003 0.02 -6.51 8.07
N MET A 1004 -0.92 -6.59 7.15
CA MET A 1004 -0.60 -6.71 5.73
C MET A 1004 0.00 -5.42 5.15
N MET A 1005 -0.11 -4.32 5.90
CA MET A 1005 0.30 -2.99 5.44
C MET A 1005 1.68 -2.52 5.94
N LEU A 1006 2.42 -3.39 6.61
CA LEU A 1006 3.67 -2.96 7.24
C LEU A 1006 4.80 -2.71 6.25
N GLY A 1007 4.77 -3.41 5.12
CA GLY A 1007 5.78 -3.21 4.08
C GLY A 1007 5.41 -2.10 3.10
N SER A 1008 4.26 -1.47 3.33
CA SER A 1008 3.68 -0.52 2.38
C SER A 1008 4.53 0.72 2.15
N GLY A 1009 5.23 1.17 3.18
CA GLY A 1009 6.07 2.36 3.09
C GLY A 1009 5.45 3.55 3.79
N MET A 1010 4.27 3.34 4.35
CA MET A 1010 3.59 4.35 5.15
C MET A 1010 4.27 4.49 6.51
N PRO A 1011 4.79 5.68 6.82
CA PRO A 1011 5.50 5.90 8.09
C PRO A 1011 4.63 5.61 9.32
N GLU A 1012 3.32 5.72 9.17
CA GLU A 1012 2.38 5.54 10.27
C GLU A 1012 2.26 4.08 10.72
N LEU A 1013 2.60 3.14 9.84
CA LEU A 1013 2.72 1.74 10.22
C LEU A 1013 3.92 1.02 9.59
N GLN A 1014 5.04 1.08 10.31
CA GLN A 1014 6.31 0.47 9.91
C GLN A 1014 6.62 -0.78 10.72
N SER A 1015 5.94 -0.92 11.86
CA SER A 1015 6.20 -2.02 12.79
C SER A 1015 4.92 -2.46 13.50
N PHE A 1016 4.97 -3.64 14.11
CA PHE A 1016 3.86 -4.16 14.90
C PHE A 1016 3.59 -3.33 16.15
N ASP A 1017 4.59 -2.54 16.54
CA ASP A 1017 4.45 -1.61 17.66
C ASP A 1017 3.47 -0.48 17.33
N ASP A 1018 3.38 -0.14 16.04
CA ASP A 1018 2.45 0.89 15.57
C ASP A 1018 1.00 0.39 15.59
N ILE A 1019 0.81 -0.87 15.19
CA ILE A 1019 -0.53 -1.50 15.20
C ILE A 1019 -1.01 -1.78 16.62
N ALA A 1020 -0.09 -1.73 17.59
CA ALA A 1020 -0.40 -1.95 18.98
C ALA A 1020 -1.39 -0.93 19.53
N TYR A 1021 -1.55 0.18 18.80
CA TYR A 1021 -2.44 1.25 19.22
C TYR A 1021 -3.90 0.78 19.31
N ILE A 1022 -4.39 0.10 18.27
CA ILE A 1022 -5.78 -0.36 18.25
C ILE A 1022 -6.03 -1.44 19.30
N ARG A 1023 -4.99 -2.22 19.61
CA ARG A 1023 -5.02 -3.16 20.73
C ARG A 1023 -5.29 -2.43 22.05
N LYS A 1024 -4.73 -1.23 22.19
CA LYS A 1024 -4.92 -0.41 23.38
C LYS A 1024 -6.25 0.35 23.40
N THR A 1025 -6.72 0.84 22.25
CA THR A 1025 -8.01 1.52 22.17
C THR A 1025 -9.18 0.55 22.25
N LEU A 1026 -9.00 -0.63 21.66
CA LEU A 1026 -10.01 -1.70 21.76
C LEU A 1026 -9.85 -2.53 23.02
N ALA A 1027 -8.86 -2.20 23.84
CA ALA A 1027 -8.63 -2.84 25.15
C ALA A 1027 -8.66 -4.37 25.08
N LEU A 1028 -7.77 -4.95 24.29
CA LEU A 1028 -7.78 -6.38 24.01
C LEU A 1028 -7.16 -7.26 25.11
N ASP A 1029 -6.19 -6.72 25.83
CA ASP A 1029 -5.60 -7.40 26.98
C ASP A 1029 -6.51 -7.37 28.21
N LYS A 1030 -7.73 -6.84 28.03
CA LYS A 1030 -8.69 -6.71 29.12
C LYS A 1030 -9.94 -7.54 28.84
N THR A 1031 -10.80 -7.66 29.84
CA THR A 1031 -12.08 -8.36 29.69
C THR A 1031 -13.08 -7.41 29.04
N GLU A 1032 -14.19 -7.94 28.54
CA GLU A 1032 -15.18 -7.12 27.84
C GLU A 1032 -15.84 -6.06 28.73
N GLN A 1033 -16.02 -6.39 30.00
CA GLN A 1033 -16.51 -5.43 30.99
C GLN A 1033 -15.53 -4.28 31.21
N GLU A 1034 -14.25 -4.63 31.36
CA GLU A 1034 -13.21 -3.64 31.58
C GLU A 1034 -12.98 -2.78 30.35
N ALA A 1035 -13.16 -3.37 29.17
CA ALA A 1035 -13.00 -2.65 27.91
C ALA A 1035 -14.03 -1.53 27.75
N LEU A 1036 -15.26 -1.81 28.15
CA LEU A 1036 -16.31 -0.81 28.14
C LEU A 1036 -16.01 0.29 29.14
N GLU A 1037 -15.57 -0.11 30.34
CA GLU A 1037 -15.23 0.83 31.42
C GLU A 1037 -14.08 1.75 31.02
N TYR A 1038 -13.14 1.20 30.25
CA TYR A 1038 -12.02 1.96 29.71
C TYR A 1038 -12.50 3.03 28.72
N PHE A 1039 -13.42 2.66 27.84
CA PHE A 1039 -13.99 3.58 26.86
C PHE A 1039 -14.71 4.75 27.54
N MET A 1040 -15.56 4.43 28.51
CA MET A 1040 -16.30 5.42 29.30
C MET A 1040 -15.38 6.46 29.94
N LYS A 1041 -14.29 6.00 30.53
CA LYS A 1041 -13.33 6.87 31.20
C LYS A 1041 -12.61 7.82 30.23
N GLN A 1042 -12.27 7.31 29.04
CA GLN A 1042 -11.64 8.11 27.99
C GLN A 1042 -12.56 9.23 27.51
N MET A 1043 -13.84 8.92 27.36
CA MET A 1043 -14.85 9.90 26.94
C MET A 1043 -15.11 10.94 28.03
N ASN A 1044 -15.09 10.49 29.28
CA ASN A 1044 -15.30 11.36 30.43
C ASN A 1044 -14.15 12.35 30.62
N ASP A 1045 -12.91 11.85 30.52
CA ASP A 1045 -11.71 12.69 30.62
C ASP A 1045 -11.63 13.71 29.49
N ALA A 1046 -12.05 13.31 28.29
CA ALA A 1046 -12.06 14.18 27.12
C ALA A 1046 -13.17 15.24 27.19
N HIS A 1047 -14.31 14.87 27.74
CA HIS A 1047 -15.46 15.78 27.83
C HIS A 1047 -15.57 16.44 29.18
N HIS A 1048 -14.46 16.42 29.93
CA HIS A 1048 -14.35 17.07 31.24
C HIS A 1048 -15.43 16.68 32.19
N GLY A 1049 -15.74 15.38 32.22
CA GLY A 1049 -16.74 14.83 33.12
C GLY A 1049 -18.17 14.87 32.61
N GLY A 1050 -18.40 15.60 31.52
CA GLY A 1050 -19.74 15.75 30.96
C GLY A 1050 -20.20 14.52 30.21
N TRP A 1051 -20.21 13.38 30.91
CA TRP A 1051 -20.55 12.08 30.32
C TRP A 1051 -21.57 11.33 31.13
N THR A 1052 -22.10 11.98 32.17
CA THR A 1052 -23.19 11.47 33.02
C THR A 1052 -23.10 9.96 33.28
N THR A 1053 -21.95 9.52 33.79
CA THR A 1053 -21.63 8.09 33.95
C THR A 1053 -22.62 7.34 34.84
N MET B 31 18.21 -10.96 53.09
CA MET B 31 18.08 -9.55 52.58
C MET B 31 17.20 -9.51 51.33
N ASN B 32 17.69 -10.14 50.25
CA ASN B 32 17.02 -10.13 48.96
C ASN B 32 15.67 -10.82 48.93
N ASN B 33 15.59 -12.03 49.47
CA ASN B 33 14.35 -12.81 49.49
C ASN B 33 13.22 -12.18 50.32
N ASN B 34 13.57 -11.23 51.19
CA ASN B 34 12.61 -10.61 52.09
C ASN B 34 12.02 -9.28 51.60
N MET B 35 12.55 -8.79 50.48
CA MET B 35 12.05 -7.55 49.88
C MET B 35 10.68 -7.78 49.25
N SER B 36 9.88 -6.71 49.19
CA SER B 36 8.58 -6.78 48.54
C SER B 36 8.75 -6.88 47.03
N LEU B 37 7.79 -7.52 46.38
CA LEU B 37 7.73 -7.56 44.93
C LEU B 37 7.61 -6.14 44.39
N GLN B 38 6.92 -5.29 45.15
CA GLN B 38 6.68 -3.89 44.80
C GLN B 38 7.96 -3.08 44.65
N ASP B 39 8.96 -3.40 45.48
CA ASP B 39 10.27 -2.72 45.47
C ASP B 39 11.28 -3.36 44.50
N ALA B 40 10.92 -4.51 43.95
CA ALA B 40 11.78 -5.21 43.01
C ALA B 40 12.04 -4.36 41.78
N GLU B 41 13.31 -4.18 41.45
CA GLU B 41 13.72 -3.40 40.28
C GLU B 41 13.15 -3.96 38.99
N TRP B 42 13.13 -5.28 38.86
CA TRP B 42 12.61 -5.95 37.66
C TRP B 42 11.10 -6.06 37.62
N TYR B 43 10.42 -5.51 38.63
CA TYR B 43 8.96 -5.51 38.66
C TYR B 43 8.37 -4.18 38.19
N TRP B 44 7.59 -4.24 37.12
CA TRP B 44 7.06 -3.05 36.46
C TRP B 44 5.57 -2.88 36.60
N GLY B 45 4.89 -3.90 37.12
CA GLY B 45 3.46 -3.81 37.38
C GLY B 45 2.59 -3.89 36.13
N ASP B 46 1.77 -2.85 35.94
CA ASP B 46 0.69 -2.87 34.95
C ASP B 46 1.08 -2.33 33.57
N ILE B 47 2.33 -2.53 33.16
CA ILE B 47 2.75 -2.09 31.83
C ILE B 47 2.38 -3.12 30.76
N SER B 48 2.19 -2.66 29.53
CA SER B 48 1.72 -3.50 28.44
C SER B 48 2.85 -4.29 27.79
N ARG B 49 2.47 -5.35 27.07
CA ARG B 49 3.40 -6.20 26.31
C ARG B 49 4.25 -5.46 25.28
N GLU B 50 3.73 -4.33 24.80
CA GLU B 50 4.42 -3.49 23.83
C GLU B 50 5.51 -2.62 24.48
N GLU B 51 5.26 -2.17 25.72
CA GLU B 51 6.27 -1.47 26.52
C GLU B 51 7.43 -2.41 26.83
N VAL B 52 7.10 -3.67 27.13
CA VAL B 52 8.08 -4.71 27.40
C VAL B 52 9.00 -4.93 26.20
N ASN B 53 8.40 -4.95 25.00
CA ASN B 53 9.16 -5.11 23.75
C ASN B 53 10.17 -3.98 23.51
N GLU B 54 9.78 -2.76 23.85
CA GLU B 54 10.61 -1.59 23.62
C GLU B 54 11.78 -1.49 24.61
N LYS B 55 11.69 -2.23 25.71
CA LYS B 55 12.77 -2.30 26.69
C LYS B 55 13.68 -3.50 26.42
N LEU B 56 13.21 -4.43 25.60
CA LEU B 56 13.97 -5.66 25.32
C LEU B 56 14.60 -5.72 23.93
N ARG B 57 14.22 -4.79 23.04
CA ARG B 57 14.82 -4.68 21.70
C ARG B 57 16.34 -4.60 21.76
N ASP B 58 16.99 -5.40 20.91
CA ASP B 58 18.45 -5.45 20.80
C ASP B 58 19.18 -5.42 22.14
N THR B 59 18.82 -6.36 23.01
CA THR B 59 19.48 -6.55 24.30
C THR B 59 20.04 -7.97 24.40
N ALA B 60 21.14 -8.12 25.15
CA ALA B 60 21.83 -9.41 25.28
C ALA B 60 20.95 -10.48 25.94
N ASP B 61 21.26 -11.74 25.67
CA ASP B 61 20.54 -12.86 26.29
C ASP B 61 20.70 -12.82 27.80
N GLY B 62 19.58 -12.97 28.50
CA GLY B 62 19.56 -12.91 29.96
C GLY B 62 18.86 -11.66 30.50
N THR B 63 18.60 -10.70 29.61
CA THR B 63 17.91 -9.47 29.97
C THR B 63 16.44 -9.79 30.24
N PHE B 64 15.90 -9.29 31.34
CA PHE B 64 14.55 -9.66 31.79
C PHE B 64 13.80 -8.59 32.59
N LEU B 65 12.49 -8.76 32.65
CA LEU B 65 11.60 -7.97 33.51
C LEU B 65 10.28 -8.71 33.73
N VAL B 66 9.60 -8.37 34.83
CA VAL B 66 8.29 -8.98 35.11
C VAL B 66 7.19 -7.91 35.08
N ARG B 67 6.06 -8.27 34.47
CA ARG B 67 4.88 -7.41 34.45
C ARG B 67 3.66 -8.21 34.87
N ASP B 68 2.58 -7.52 35.24
CA ASP B 68 1.30 -8.17 35.51
C ASP B 68 0.79 -8.88 34.26
N ALA B 69 0.15 -10.03 34.45
CA ALA B 69 -0.47 -10.74 33.35
C ALA B 69 -1.72 -9.97 32.92
N SER B 70 -2.11 -10.15 31.65
CA SER B 70 -3.31 -9.50 31.13
C SER B 70 -4.53 -10.09 31.83
N THR B 71 -5.43 -9.21 32.25
CA THR B 71 -6.53 -9.56 33.15
C THR B 71 -7.44 -10.69 32.65
N LYS B 72 -7.66 -10.74 31.33
CA LYS B 72 -8.52 -11.76 30.73
C LYS B 72 -7.90 -13.17 30.63
N MET B 73 -6.76 -13.37 31.28
CA MET B 73 -6.07 -14.66 31.21
C MET B 73 -5.78 -15.22 32.61
N HIS B 74 -5.57 -16.54 32.68
CA HIS B 74 -5.07 -17.20 33.88
C HIS B 74 -3.63 -16.79 34.11
N GLY B 75 -3.20 -16.83 35.37
CA GLY B 75 -1.85 -16.39 35.74
C GLY B 75 -1.83 -15.00 36.33
N ASP B 76 -0.75 -14.67 37.04
CA ASP B 76 -0.65 -13.41 37.76
C ASP B 76 0.42 -12.48 37.20
N TYR B 77 1.52 -13.06 36.73
CA TYR B 77 2.65 -12.29 36.22
C TYR B 77 3.26 -12.94 34.99
N THR B 78 3.87 -12.12 34.14
CA THR B 78 4.60 -12.61 32.98
C THR B 78 6.08 -12.21 33.04
N LEU B 79 6.94 -13.21 33.18
CA LEU B 79 8.37 -13.02 33.04
C LEU B 79 8.72 -13.01 31.55
N THR B 80 9.51 -12.03 31.14
CA THR B 80 9.92 -11.91 29.76
C THR B 80 11.44 -11.77 29.70
N LEU B 81 12.07 -12.63 28.90
CA LEU B 81 13.53 -12.63 28.78
C LEU B 81 14.03 -12.84 27.35
N ARG B 82 15.26 -12.37 27.09
CA ARG B 82 15.91 -12.56 25.80
C ARG B 82 16.54 -13.94 25.66
N LYS B 83 16.37 -14.54 24.49
CA LYS B 83 16.95 -15.84 24.16
C LYS B 83 17.02 -16.03 22.65
N GLY B 84 18.24 -16.21 22.14
CA GLY B 84 18.47 -16.36 20.71
C GLY B 84 17.94 -15.20 19.89
N GLY B 85 17.85 -14.02 20.50
CA GLY B 85 17.36 -12.82 19.84
C GLY B 85 15.86 -12.61 19.91
N ASN B 86 15.17 -13.48 20.64
CA ASN B 86 13.72 -13.41 20.79
C ASN B 86 13.30 -13.14 22.22
N ASN B 87 12.09 -12.63 22.38
CA ASN B 87 11.51 -12.45 23.71
C ASN B 87 10.67 -13.66 24.08
N LYS B 88 11.02 -14.28 25.20
CA LYS B 88 10.31 -15.43 25.72
C LYS B 88 9.39 -15.00 26.85
N LEU B 89 8.13 -15.39 26.77
CA LEU B 89 7.15 -15.07 27.82
C LEU B 89 6.84 -16.31 28.63
N ILE B 90 7.08 -16.24 29.94
CA ILE B 90 6.75 -17.32 30.85
C ILE B 90 5.77 -16.81 31.91
N LYS B 91 4.62 -17.47 31.97
CA LYS B 91 3.59 -17.13 32.93
C LYS B 91 3.99 -17.61 34.31
N ILE B 92 3.74 -16.76 35.31
CA ILE B 92 3.87 -17.16 36.71
C ILE B 92 2.47 -17.29 37.30
N PHE B 93 2.14 -18.49 37.77
CA PHE B 93 0.83 -18.82 38.32
C PHE B 93 0.88 -18.77 39.85
N HIS B 94 -0.29 -18.61 40.48
CA HIS B 94 -0.41 -18.67 41.94
C HIS B 94 -1.55 -19.53 42.42
N ARG B 95 -1.29 -20.31 43.46
CA ARG B 95 -2.33 -21.07 44.15
C ARG B 95 -1.87 -21.34 45.58
N ASP B 96 -2.69 -20.91 46.54
CA ASP B 96 -2.46 -21.16 47.98
C ASP B 96 -1.07 -20.75 48.48
N GLY B 97 -0.67 -19.52 48.18
CA GLY B 97 0.57 -18.94 48.68
C GLY B 97 1.83 -19.41 47.98
N LYS B 98 1.66 -20.15 46.88
CA LYS B 98 2.80 -20.68 46.13
C LYS B 98 2.80 -20.21 44.68
N TYR B 99 3.99 -19.96 44.14
CA TYR B 99 4.18 -19.45 42.78
C TYR B 99 5.04 -20.41 41.96
N GLY B 100 4.89 -20.34 40.64
CA GLY B 100 5.67 -21.18 39.74
C GLY B 100 5.17 -21.17 38.30
N PHE B 101 5.93 -21.82 37.43
CA PHE B 101 5.63 -21.84 35.99
C PHE B 101 4.61 -22.91 35.63
N SER B 102 4.55 -23.96 36.45
CA SER B 102 3.63 -25.08 36.24
C SER B 102 3.44 -25.87 37.52
N ASP B 103 2.45 -26.76 37.53
CA ASP B 103 2.26 -27.70 38.62
C ASP B 103 3.49 -28.61 38.78
N PRO B 104 4.00 -28.73 40.02
CA PRO B 104 3.50 -28.08 41.24
C PRO B 104 4.14 -26.72 41.50
N LEU B 105 3.42 -25.87 42.22
CA LEU B 105 3.95 -24.56 42.60
C LEU B 105 4.71 -24.68 43.91
N THR B 106 5.98 -24.28 43.89
CA THR B 106 6.91 -24.60 44.97
C THR B 106 7.61 -23.37 45.57
N PHE B 107 7.46 -22.22 44.92
CA PHE B 107 8.11 -20.99 45.38
C PHE B 107 7.19 -20.22 46.32
N SER B 108 7.79 -19.61 47.36
CA SER B 108 7.02 -18.90 48.40
C SER B 108 6.62 -17.48 47.99
N SER B 109 7.35 -16.92 47.03
CA SER B 109 7.09 -15.57 46.50
C SER B 109 7.74 -15.41 45.12
N VAL B 110 7.31 -14.38 44.39
CA VAL B 110 7.86 -14.07 43.05
C VAL B 110 9.34 -13.67 43.13
N VAL B 111 9.70 -12.89 44.15
CA VAL B 111 11.09 -12.52 44.39
C VAL B 111 11.95 -13.77 44.63
N GLU B 112 11.41 -14.73 45.38
CA GLU B 112 12.08 -16.01 45.60
C GLU B 112 12.27 -16.74 44.27
N LEU B 113 11.22 -16.77 43.45
CA LEU B 113 11.25 -17.44 42.14
C LEU B 113 12.32 -16.84 41.23
N ILE B 114 12.31 -15.52 41.11
CA ILE B 114 13.22 -14.80 40.20
C ILE B 114 14.67 -14.97 40.63
N ASN B 115 14.96 -14.69 41.90
CA ASN B 115 16.32 -14.83 42.44
C ASN B 115 16.89 -16.24 42.32
N HIS B 116 16.00 -17.23 42.26
CA HIS B 116 16.42 -18.62 42.04
C HIS B 116 16.98 -18.81 40.67
N TYR B 117 16.33 -18.21 39.68
CA TYR B 117 16.75 -18.35 38.28
C TYR B 117 17.72 -17.26 37.82
N ARG B 118 18.20 -16.48 38.78
CA ARG B 118 19.33 -15.57 38.56
C ARG B 118 20.63 -16.30 38.89
N ASN B 119 20.51 -17.43 39.58
CA ASN B 119 21.64 -18.27 39.98
C ASN B 119 21.60 -19.64 39.33
N GLU B 120 20.40 -20.11 39.00
CA GLU B 120 20.21 -21.41 38.36
C GLU B 120 19.76 -21.20 36.92
N SER B 121 20.15 -22.12 36.04
CA SER B 121 19.72 -22.12 34.64
C SER B 121 18.25 -22.51 34.53
N LEU B 122 17.56 -21.89 33.58
CA LEU B 122 16.17 -22.21 33.29
C LEU B 122 16.02 -23.59 32.62
N ALA B 123 17.14 -24.28 32.44
CA ALA B 123 17.15 -25.65 31.90
C ALA B 123 16.48 -26.60 32.88
N GLN B 124 16.54 -26.26 34.17
CA GLN B 124 15.89 -27.02 35.23
C GLN B 124 14.37 -27.08 35.00
N TYR B 125 13.80 -26.00 34.50
CA TYR B 125 12.39 -25.97 34.13
C TYR B 125 12.18 -26.50 32.71
N ASN B 126 12.89 -25.93 31.76
CA ASN B 126 12.82 -26.36 30.36
C ASN B 126 14.23 -26.44 29.76
N PRO B 127 14.72 -27.67 29.49
CA PRO B 127 16.06 -27.91 28.95
C PRO B 127 16.33 -27.34 27.56
N LYS B 128 15.29 -26.83 26.90
CA LYS B 128 15.47 -26.21 25.58
C LYS B 128 15.85 -24.73 25.70
N LEU B 129 15.29 -24.03 26.69
CA LEU B 129 15.73 -22.66 27.00
C LEU B 129 16.74 -22.63 28.14
N ASP B 130 18.00 -22.88 27.77
CA ASP B 130 19.12 -23.01 28.71
C ASP B 130 19.86 -21.69 28.92
N VAL B 131 19.41 -20.91 29.90
CA VAL B 131 20.06 -19.64 30.26
C VAL B 131 19.64 -19.19 31.67
N LYS B 132 20.29 -18.14 32.16
CA LYS B 132 19.96 -17.55 33.46
C LYS B 132 19.40 -16.14 33.30
N LEU B 133 18.69 -15.66 34.32
CA LEU B 133 18.17 -14.29 34.32
C LEU B 133 19.28 -13.38 34.82
N LEU B 134 20.02 -12.80 33.87
CA LEU B 134 21.29 -12.13 34.18
C LEU B 134 21.22 -10.62 34.32
N TYR B 135 20.47 -9.95 33.43
CA TYR B 135 20.44 -8.50 33.41
C TYR B 135 19.03 -7.92 33.56
N PRO B 136 18.67 -7.49 34.78
CA PRO B 136 17.34 -6.93 35.05
C PRO B 136 17.17 -5.54 34.45
N VAL B 137 16.01 -5.30 33.84
CA VAL B 137 15.65 -3.96 33.39
C VAL B 137 15.09 -3.22 34.61
N SER B 138 15.98 -2.50 35.30
CA SER B 138 15.66 -1.79 36.53
C SER B 138 14.71 -0.63 36.27
N LYS B 139 13.73 -0.46 37.16
CA LYS B 139 12.84 0.70 37.11
C LYS B 139 13.47 1.90 37.83
N TYR B 140 14.69 1.70 38.33
CA TYR B 140 15.52 2.77 38.86
C TYR B 140 16.64 3.04 37.85
N GLN B 141 16.30 2.85 36.57
CA GLN B 141 17.22 3.03 35.44
C GLN B 141 17.55 4.51 35.26
N GLN B 142 16.50 5.35 35.27
CA GLN B 142 16.65 6.79 35.04
C GLN B 142 17.33 7.51 36.22
N ASP B 143 17.37 6.86 37.37
CA ASP B 143 18.08 7.39 38.55
C ASP B 143 19.58 7.57 38.29
N GLN B 144 20.12 6.77 37.36
CA GLN B 144 21.51 6.88 36.94
C GLN B 144 21.73 8.14 36.10
N VAL B 145 20.88 8.32 35.08
CA VAL B 145 20.95 9.46 34.17
C VAL B 145 20.55 10.75 34.89
N VAL B 146 19.37 10.74 35.50
CA VAL B 146 18.90 11.89 36.27
C VAL B 146 18.83 11.57 37.76
N LYS B 147 19.76 12.14 38.51
CA LYS B 147 19.76 12.05 39.97
C LYS B 147 19.16 13.30 40.62
N GLU B 148 18.70 14.22 39.76
CA GLU B 148 18.08 15.47 40.20
C GLU B 148 16.79 15.19 40.98
N ASP B 149 16.76 15.59 42.24
CA ASP B 149 15.65 15.26 43.14
C ASP B 149 14.45 16.20 43.03
N ASN B 150 14.66 17.37 42.44
CA ASN B 150 13.61 18.38 42.30
C ASN B 150 12.72 18.12 41.10
N ILE B 151 11.39 18.17 41.29
CA ILE B 151 10.41 17.94 40.23
C ILE B 151 10.56 18.98 39.12
N GLU B 152 10.57 20.26 39.51
CA GLU B 152 10.63 21.37 38.56
C GLU B 152 11.94 21.42 37.77
N ALA B 153 13.03 21.01 38.40
CA ALA B 153 14.34 20.95 37.75
C ALA B 153 14.38 19.85 36.70
N VAL B 154 13.72 18.73 36.99
CA VAL B 154 13.60 17.62 36.06
C VAL B 154 12.65 18.00 34.92
N GLY B 155 11.55 18.65 35.28
CA GLY B 155 10.58 19.16 34.31
C GLY B 155 11.17 20.17 33.35
N LYS B 156 11.94 21.12 33.87
CA LYS B 156 12.58 22.13 33.04
C LYS B 156 13.67 21.56 32.14
N LYS B 157 14.36 20.52 32.61
CA LYS B 157 15.33 19.80 31.78
C LYS B 157 14.62 18.93 30.74
N LEU B 158 13.41 18.46 31.07
CA LEU B 158 12.55 17.80 30.10
C LEU B 158 12.18 18.77 28.98
N HIS B 159 11.93 20.02 29.33
CA HIS B 159 11.61 21.06 28.36
C HIS B 159 12.78 21.37 27.46
N GLU B 160 13.99 21.33 28.01
CA GLU B 160 15.20 21.61 27.25
C GLU B 160 15.55 20.45 26.30
N TYR B 161 15.45 19.22 26.79
CA TYR B 161 15.72 18.03 25.98
C TYR B 161 14.67 17.81 24.89
N ASN B 162 13.43 18.21 25.17
CA ASN B 162 12.35 18.11 24.18
C ASN B 162 12.51 19.14 23.06
N THR B 163 12.79 20.38 23.42
CA THR B 163 13.03 21.46 22.45
C THR B 163 14.21 21.11 21.52
N GLN B 164 15.30 20.60 22.11
CA GLN B 164 16.45 20.12 21.34
C GLN B 164 16.03 19.00 20.39
N PHE B 165 15.23 18.06 20.88
CA PHE B 165 14.77 16.92 20.08
C PHE B 165 13.85 17.35 18.92
N GLN B 166 12.91 18.24 19.22
CA GLN B 166 11.98 18.74 18.21
C GLN B 166 12.72 19.48 17.11
N GLU B 167 13.67 20.33 17.52
CA GLU B 167 14.55 21.07 16.62
C GLU B 167 15.32 20.16 15.66
N LYS B 168 15.97 19.12 16.21
CA LYS B 168 16.76 18.20 15.40
C LYS B 168 15.89 17.32 14.51
N SER B 169 14.68 17.04 15.00
CA SER B 169 13.69 16.29 14.24
C SER B 169 13.29 17.04 12.97
N ARG B 170 13.09 18.35 13.09
CA ARG B 170 12.74 19.20 11.96
C ARG B 170 13.93 19.45 11.03
N GLU B 171 15.13 19.48 11.59
CA GLU B 171 16.36 19.60 10.81
C GLU B 171 16.55 18.34 9.95
N TYR B 172 16.30 17.18 10.55
CA TYR B 172 16.36 15.92 9.84
C TYR B 172 15.27 15.82 8.78
N ASP B 173 14.09 16.36 9.09
CA ASP B 173 12.94 16.34 8.19
C ASP B 173 13.20 17.10 6.90
N ARG B 174 13.74 18.32 7.02
CA ARG B 174 14.09 19.13 5.85
C ARG B 174 15.15 18.45 4.99
N LEU B 175 16.11 17.80 5.64
CA LEU B 175 17.15 17.04 4.94
C LEU B 175 16.56 15.85 4.21
N TYR B 176 15.46 15.31 4.72
CA TYR B 176 14.79 14.19 4.04
C TYR B 176 14.01 14.62 2.81
N GLU B 177 13.41 15.81 2.88
CA GLU B 177 12.71 16.40 1.75
C GLU B 177 13.70 16.68 0.63
N GLU B 178 14.79 17.36 0.98
CA GLU B 178 15.92 17.61 0.08
C GLU B 178 16.39 16.30 -0.56
N TYR B 179 16.61 15.29 0.28
CA TYR B 179 17.09 13.98 -0.13
C TYR B 179 16.22 13.35 -1.21
N THR B 180 14.94 13.17 -0.91
CA THR B 180 13.97 12.56 -1.82
C THR B 180 13.84 13.32 -3.14
N ARG B 181 13.76 14.64 -3.04
CA ARG B 181 13.71 15.51 -4.22
C ARG B 181 14.97 15.33 -5.07
N THR B 182 16.12 15.27 -4.40
CA THR B 182 17.40 15.09 -5.09
C THR B 182 17.46 13.72 -5.76
N SER B 183 16.92 12.71 -5.08
CA SER B 183 16.91 11.34 -5.60
C SER B 183 16.01 11.24 -6.84
N GLN B 184 14.92 12.01 -6.84
CA GLN B 184 13.96 12.02 -7.93
C GLN B 184 14.49 12.76 -9.15
N GLU B 185 15.24 13.83 -8.91
CA GLU B 185 15.83 14.61 -10.00
C GLU B 185 17.01 13.89 -10.66
N ILE B 186 17.72 13.09 -9.88
CA ILE B 186 18.81 12.24 -10.38
C ILE B 186 18.23 11.16 -11.31
N GLN B 187 17.08 10.63 -10.94
CA GLN B 187 16.36 9.63 -11.73
C GLN B 187 16.02 10.17 -13.12
N MET B 188 15.53 11.41 -13.17
CA MET B 188 15.18 12.07 -14.42
C MET B 188 16.39 12.31 -15.31
N LYS B 189 17.51 12.66 -14.70
CA LYS B 189 18.75 12.94 -15.41
C LYS B 189 19.38 11.66 -16.00
N ARG B 190 19.34 10.59 -15.22
CA ARG B 190 19.90 9.30 -15.64
C ARG B 190 19.20 8.75 -16.88
N THR B 191 17.88 8.88 -16.92
CA THR B 191 17.08 8.47 -18.07
C THR B 191 17.31 9.42 -19.25
N ALA B 192 17.55 10.70 -18.95
CA ALA B 192 17.85 11.70 -19.98
C ALA B 192 19.20 11.46 -20.64
N ILE B 193 20.16 10.92 -19.88
CA ILE B 193 21.46 10.53 -20.41
C ILE B 193 21.29 9.41 -21.44
N GLU B 194 20.48 8.41 -21.09
CA GLU B 194 20.20 7.28 -21.96
C GLU B 194 19.44 7.70 -23.23
N ALA B 195 18.58 8.71 -23.09
CA ALA B 195 17.85 9.27 -24.22
C ALA B 195 18.75 10.09 -25.13
N PHE B 196 19.80 10.70 -24.55
CA PHE B 196 20.81 11.41 -25.35
C PHE B 196 21.66 10.42 -26.13
N ASN B 197 22.07 9.34 -25.48
CA ASN B 197 22.86 8.28 -26.12
C ASN B 197 22.13 7.67 -27.31
N GLU B 198 20.84 7.40 -27.12
CA GLU B 198 19.96 6.90 -28.17
C GLU B 198 19.88 7.86 -29.36
N THR B 199 19.78 9.16 -29.05
CA THR B 199 19.74 10.20 -30.06
C THR B 199 21.04 10.20 -30.86
N ILE B 200 22.17 10.18 -30.15
CA ILE B 200 23.50 10.15 -30.79
C ILE B 200 23.69 8.94 -31.70
N LYS B 201 23.21 7.77 -31.26
CA LYS B 201 23.18 6.56 -32.09
C LYS B 201 22.45 6.76 -33.42
N ILE B 202 21.25 7.33 -33.35
CA ILE B 202 20.44 7.61 -34.54
C ILE B 202 21.13 8.61 -35.47
N PHE B 203 21.70 9.67 -34.90
CA PHE B 203 22.40 10.68 -35.68
C PHE B 203 23.75 10.21 -36.23
N GLU B 204 24.33 9.20 -35.58
CA GLU B 204 25.54 8.55 -36.09
C GLU B 204 25.24 7.54 -37.19
N GLU B 205 24.12 6.84 -37.06
CA GLU B 205 23.65 5.91 -38.08
C GLU B 205 23.18 6.69 -39.31
N GLN B 206 22.84 7.96 -39.10
CA GLN B 206 22.48 8.87 -40.18
C GLN B 206 23.72 9.27 -40.98
N CYS B 207 24.88 9.28 -40.32
CA CYS B 207 26.16 9.47 -41.00
C CYS B 207 26.50 8.24 -41.84
N GLN B 208 26.16 7.06 -41.32
CA GLN B 208 26.39 5.78 -42.00
C GLN B 208 25.59 5.68 -43.29
N THR B 209 24.33 6.13 -43.22
CA THR B 209 23.41 6.10 -44.35
C THR B 209 23.83 7.09 -45.43
N GLN B 210 24.26 8.28 -45.01
CA GLN B 210 24.71 9.30 -45.97
C GLN B 210 26.06 8.93 -46.60
N GLU B 211 26.88 8.19 -45.85
CA GLU B 211 28.16 7.69 -46.34
C GLU B 211 27.95 6.59 -47.37
N ARG B 212 27.01 5.68 -47.09
CA ARG B 212 26.72 4.56 -47.99
C ARG B 212 25.94 4.97 -49.24
N TYR B 213 25.24 6.11 -49.16
CA TYR B 213 24.46 6.62 -50.28
C TYR B 213 25.23 7.54 -51.23
N SER B 214 26.23 8.25 -50.70
CA SER B 214 26.99 9.23 -51.48
C SER B 214 28.26 8.66 -52.11
N LYS B 215 28.66 7.45 -51.70
CA LYS B 215 29.90 6.82 -52.16
C LYS B 215 29.95 6.65 -53.69
N GLU B 216 28.80 6.37 -54.29
CA GLU B 216 28.70 6.24 -55.74
C GLU B 216 28.13 7.48 -56.42
N TYR B 217 27.42 8.32 -55.66
CA TYR B 217 26.83 9.54 -56.21
C TYR B 217 27.81 10.71 -56.29
N ILE B 218 28.82 10.71 -55.42
CA ILE B 218 29.94 11.63 -55.55
C ILE B 218 30.91 11.08 -56.61
N GLU B 219 30.96 9.74 -56.70
CA GLU B 219 31.79 9.04 -57.69
C GLU B 219 31.38 9.36 -59.13
N LYS B 220 30.06 9.43 -59.36
CA LYS B 220 29.51 9.74 -60.68
C LYS B 220 29.87 11.15 -61.14
N PHE B 221 29.88 12.09 -60.20
CA PHE B 221 30.13 13.50 -60.51
C PHE B 221 31.57 13.95 -60.20
N LYS B 222 32.42 13.00 -59.81
CA LYS B 222 33.86 13.24 -59.68
C LYS B 222 34.49 13.19 -61.07
N ARG B 223 33.95 12.31 -61.91
CA ARG B 223 34.39 12.19 -63.31
C ARG B 223 33.58 13.13 -64.21
N GLU B 224 32.40 13.53 -63.74
CA GLU B 224 31.57 14.50 -64.46
C GLU B 224 31.89 15.93 -64.03
N GLY B 225 32.72 16.06 -62.99
CA GLY B 225 33.23 17.35 -62.53
C GLY B 225 32.22 18.32 -61.96
N ASN B 226 31.06 17.81 -61.57
CA ASN B 226 30.00 18.65 -61.02
C ASN B 226 30.25 19.02 -59.55
N GLU B 227 31.00 20.09 -59.35
CA GLU B 227 31.36 20.56 -58.02
C GLU B 227 30.24 21.35 -57.36
N LYS B 228 29.34 21.89 -58.18
CA LYS B 228 28.20 22.68 -57.69
C LYS B 228 27.24 21.84 -56.83
N GLU B 229 27.07 20.58 -57.22
CA GLU B 229 26.24 19.64 -56.46
C GLU B 229 26.96 19.18 -55.19
N ILE B 230 28.26 18.94 -55.30
CA ILE B 230 29.11 18.57 -54.16
C ILE B 230 29.07 19.66 -53.09
N GLN B 231 28.98 20.91 -53.55
CA GLN B 231 28.90 22.09 -52.69
C GLN B 231 27.73 22.04 -51.70
N ARG B 232 26.61 21.45 -52.12
CA ARG B 232 25.41 21.38 -51.27
C ARG B 232 25.19 20.02 -50.59
N ILE B 233 25.90 18.99 -51.05
CA ILE B 233 25.90 17.67 -50.40
C ILE B 233 26.81 17.70 -49.17
N MET B 234 28.01 18.23 -49.35
CA MET B 234 28.96 18.44 -48.25
C MET B 234 28.42 19.45 -47.23
N HIS B 235 27.62 20.41 -47.71
CA HIS B 235 26.94 21.37 -46.85
C HIS B 235 25.99 20.67 -45.91
N ASN B 236 25.22 19.73 -46.46
CA ASN B 236 24.30 18.91 -45.67
C ASN B 236 25.04 18.02 -44.67
N TYR B 237 26.13 17.40 -45.11
CA TYR B 237 26.92 16.51 -44.28
C TYR B 237 27.59 17.25 -43.12
N ASP B 238 28.14 18.43 -43.41
CA ASP B 238 28.74 19.29 -42.39
C ASP B 238 27.72 19.75 -41.36
N LYS B 239 26.49 20.00 -41.82
CA LYS B 239 25.37 20.37 -40.96
C LYS B 239 25.01 19.22 -40.00
N LEU B 240 25.03 18.00 -40.52
CA LEU B 240 24.79 16.80 -39.73
C LEU B 240 25.87 16.62 -38.66
N LYS B 241 27.12 16.79 -39.07
CA LYS B 241 28.26 16.74 -38.14
C LYS B 241 28.17 17.85 -37.10
N SER B 242 27.69 19.02 -37.54
CA SER B 242 27.50 20.18 -36.67
C SER B 242 26.40 19.94 -35.63
N ARG B 243 25.35 19.23 -36.04
CA ARG B 243 24.22 18.91 -35.17
C ARG B 243 24.62 17.88 -34.10
N ILE B 244 25.42 16.89 -34.50
CA ILE B 244 25.94 15.87 -33.57
C ILE B 244 26.76 16.49 -32.45
N SER B 245 27.64 17.42 -32.82
CA SER B 245 28.49 18.13 -31.86
C SER B 245 27.69 18.72 -30.71
N GLU B 246 26.63 19.46 -31.04
CA GLU B 246 25.74 20.07 -30.06
C GLU B 246 25.11 19.03 -29.13
N ILE B 247 24.61 17.95 -29.72
CA ILE B 247 23.97 16.87 -28.96
C ILE B 247 24.96 16.20 -28.00
N ILE B 248 26.15 15.85 -28.51
CA ILE B 248 27.18 15.25 -27.66
C ILE B 248 27.60 16.20 -26.54
N ASP B 249 27.72 17.49 -26.86
CA ASP B 249 28.02 18.54 -25.88
C ASP B 249 26.92 18.71 -24.83
N SER B 250 25.67 18.55 -25.25
CA SER B 250 24.53 18.66 -24.34
C SER B 250 24.49 17.54 -23.31
N ARG B 251 24.77 16.31 -23.75
CA ARG B 251 24.83 15.19 -22.81
C ARG B 251 26.10 15.27 -21.94
N ARG B 252 27.15 15.86 -22.50
CA ARG B 252 28.38 16.13 -21.75
C ARG B 252 28.10 17.12 -20.61
N ARG B 253 27.26 18.11 -20.87
CA ARG B 253 26.81 19.05 -19.85
C ARG B 253 25.91 18.39 -18.81
N LEU B 254 25.04 17.50 -19.27
CA LEU B 254 24.15 16.76 -18.37
C LEU B 254 24.92 15.79 -17.47
N GLU B 255 25.97 15.16 -18.03
CA GLU B 255 26.90 14.34 -17.25
C GLU B 255 27.52 15.08 -16.07
N GLU B 256 27.88 16.35 -16.30
CA GLU B 256 28.45 17.21 -15.26
C GLU B 256 27.43 17.57 -14.18
N ASP B 257 26.23 17.96 -14.62
CA ASP B 257 25.11 18.23 -13.71
C ASP B 257 24.84 17.04 -12.79
N LEU B 258 24.77 15.86 -13.39
CA LEU B 258 24.50 14.61 -12.67
C LEU B 258 25.57 14.30 -11.64
N LYS B 259 26.84 14.42 -12.02
CA LYS B 259 27.97 14.23 -11.11
C LYS B 259 27.89 15.19 -9.93
N LYS B 260 27.45 16.42 -10.21
CA LYS B 260 27.26 17.45 -9.21
C LYS B 260 26.09 17.12 -8.26
N GLN B 261 24.99 16.64 -8.81
CA GLN B 261 23.79 16.34 -8.02
C GLN B 261 23.92 15.05 -7.22
N ALA B 262 24.58 14.04 -7.81
CA ALA B 262 24.90 12.81 -7.09
C ALA B 262 25.76 13.12 -5.87
N ALA B 263 26.67 14.08 -6.05
CA ALA B 263 27.55 14.53 -4.98
C ALA B 263 26.75 15.22 -3.86
N GLU B 264 25.76 16.03 -4.25
CA GLU B 264 24.84 16.65 -3.30
C GLU B 264 24.08 15.59 -2.51
N TYR B 265 23.62 14.57 -3.23
CA TYR B 265 22.90 13.45 -2.64
C TYR B 265 23.71 12.80 -1.52
N ARG B 266 24.96 12.43 -1.83
CA ARG B 266 25.85 11.80 -0.85
C ARG B 266 26.12 12.70 0.36
N GLU B 267 26.23 14.01 0.11
CA GLU B 267 26.38 15.01 1.15
C GLU B 267 25.17 15.12 2.08
N ILE B 268 23.97 15.19 1.49
CA ILE B 268 22.72 15.18 2.27
C ILE B 268 22.65 13.90 3.12
N ASP B 269 23.04 12.77 2.53
CA ASP B 269 23.08 11.49 3.23
C ASP B 269 24.04 11.50 4.42
N LYS B 270 25.22 12.11 4.24
CA LYS B 270 26.19 12.28 5.33
C LYS B 270 25.62 13.11 6.48
N ARG B 271 24.99 14.23 6.15
CA ARG B 271 24.41 15.10 7.17
C ARG B 271 23.32 14.37 7.96
N MET B 272 22.49 13.60 7.26
CA MET B 272 21.43 12.80 7.90
C MET B 272 21.98 11.72 8.84
N ASN B 273 23.07 11.08 8.44
CA ASN B 273 23.73 10.08 9.26
C ASN B 273 24.41 10.64 10.53
N SER B 274 24.52 11.96 10.61
CA SER B 274 25.08 12.61 11.80
C SER B 274 23.96 13.02 12.75
N ILE B 275 22.80 13.34 12.20
CA ILE B 275 21.65 13.73 13.01
C ILE B 275 20.99 12.51 13.66
N LYS B 276 20.99 11.38 12.96
CA LYS B 276 20.34 10.15 13.45
C LYS B 276 20.81 9.73 14.85
N PRO B 277 22.14 9.57 15.08
CA PRO B 277 22.56 9.16 16.42
C PRO B 277 22.15 10.16 17.51
N ASP B 278 22.31 11.45 17.20
CA ASP B 278 21.89 12.52 18.10
C ASP B 278 20.40 12.52 18.35
N LEU B 279 19.61 12.11 17.36
CA LEU B 279 18.16 12.02 17.49
C LEU B 279 17.73 10.93 18.48
N ILE B 280 18.37 9.77 18.40
CA ILE B 280 18.01 8.62 19.24
C ILE B 280 18.33 8.93 20.69
N GLN B 281 19.51 9.50 20.92
CA GLN B 281 19.95 9.92 22.23
C GLN B 281 19.05 11.00 22.81
N LEU B 282 18.67 11.97 21.99
CA LEU B 282 17.80 13.06 22.45
C LEU B 282 16.40 12.55 22.78
N ARG B 283 15.95 11.55 22.04
CA ARG B 283 14.66 10.93 22.30
C ARG B 283 14.73 10.07 23.56
N LYS B 284 15.77 9.25 23.67
CA LYS B 284 15.96 8.37 24.82
C LYS B 284 16.01 9.14 26.15
N THR B 285 16.72 10.27 26.13
CA THR B 285 16.87 11.13 27.31
C THR B 285 15.54 11.78 27.68
N ARG B 286 14.79 12.25 26.68
CA ARG B 286 13.47 12.83 26.91
C ARG B 286 12.50 11.80 27.52
N ASP B 287 12.50 10.60 26.96
CA ASP B 287 11.62 9.50 27.41
C ASP B 287 11.91 9.06 28.85
N GLN B 288 13.19 9.02 29.20
CA GLN B 288 13.61 8.64 30.56
C GLN B 288 13.30 9.73 31.57
N TYR B 289 13.38 11.00 31.12
CA TYR B 289 13.00 12.15 31.93
C TYR B 289 11.49 12.27 32.06
N LEU B 290 10.78 11.75 31.07
CA LEU B 290 9.33 11.66 31.13
C LEU B 290 8.92 10.56 32.10
N MET B 291 9.73 9.51 32.15
CA MET B 291 9.47 8.35 33.01
C MET B 291 9.63 8.68 34.49
N TRP B 292 10.63 9.49 34.80
CA TRP B 292 10.93 9.92 36.17
C TRP B 292 9.81 10.74 36.75
N LEU B 293 9.19 11.57 35.90
CA LEU B 293 8.07 12.41 36.32
C LEU B 293 6.76 11.64 36.40
N THR B 294 6.63 10.63 35.54
CA THR B 294 5.48 9.72 35.55
C THR B 294 5.51 8.82 36.78
N GLN B 295 6.67 8.26 37.08
CA GLN B 295 6.85 7.42 38.27
C GLN B 295 6.78 8.25 39.57
N LYS B 296 6.72 9.57 39.43
CA LYS B 296 6.43 10.46 40.55
C LYS B 296 5.00 11.03 40.47
N GLY B 297 4.32 10.73 39.37
CA GLY B 297 2.92 11.08 39.19
C GLY B 297 2.64 12.56 39.07
N VAL B 298 3.29 13.21 38.11
CA VAL B 298 3.05 14.62 37.85
C VAL B 298 1.86 14.76 36.90
N ARG B 299 0.99 15.74 37.18
CA ARG B 299 -0.25 15.96 36.42
C ARG B 299 -0.05 15.86 34.90
N GLN B 300 -0.95 15.12 34.26
CA GLN B 300 -0.94 14.93 32.81
C GLN B 300 -1.03 16.24 32.04
N LYS B 301 -1.50 17.29 32.70
CA LYS B 301 -1.65 18.62 32.08
C LYS B 301 -0.36 19.44 32.17
N LYS B 302 0.36 19.32 33.29
CA LYS B 302 1.64 20.02 33.44
C LYS B 302 2.78 19.39 32.63
N LEU B 303 2.63 18.12 32.27
CA LEU B 303 3.58 17.45 31.39
C LEU B 303 3.50 18.04 29.98
N ASN B 304 2.28 18.40 29.59
CA ASN B 304 2.04 18.95 28.25
C ASN B 304 2.44 20.42 28.09
N GLU B 305 2.52 21.14 29.20
CA GLU B 305 3.00 22.52 29.18
C GLU B 305 4.52 22.57 29.03
N TRP B 306 5.19 21.51 29.49
CA TRP B 306 6.64 21.35 29.29
C TRP B 306 6.94 20.89 27.88
N LEU B 307 6.17 19.90 27.42
CA LEU B 307 6.33 19.36 26.07
C LEU B 307 5.77 20.31 25.01
#